data_5ZXD
#
_entry.id   5ZXD
#
_cell.length_a   66.068
_cell.length_b   132.814
_cell.length_c   148.329
_cell.angle_alpha   90.000
_cell.angle_beta   90.000
_cell.angle_gamma   90.000
#
_symmetry.space_group_name_H-M   'P 21 21 21'
#
loop_
_entity.id
_entity.type
_entity.pdbx_description
1 polymer 'ATP-binding cassette sub-family F member 1'
2 non-polymer "ADENOSINE-5'-TRIPHOSPHATE"
3 water water
#
_entity_poly.entity_id   1
_entity_poly.type   'polypeptide(L)'
_entity_poly.pdbx_seq_one_letter_code
;NASDIKLEKFSISAHGKELFVNADLYIVAGRRYGLVGPNGKGKTTLLKHIANRALSIPPNIDVLLCEQEVVADETPAVQA
VLRADTKRLKLLEEERRLQGQLEQGDDTAAERLEKVYEELRATGAAAAEAKARRILAGLGFDPE(MSE)QNRPTQKFSGG
WR(MSE)RVSLARALF(MSE)EPTLL(MSE)LDEPTNHLDLNAVIWLNNYLQGWRKTLLIVSHDQGFLDDVCTDIIHLDA
QRLHYYRGNY(MSE)TFKK(MSE)YQQKQKELLKQYEKQEKKLKELKAGGKSTKQAEKQTKEALTRKQQKCRRKNQDEES
QEAPELLKRPKEYTVRFTFPDPPPLSPPVLGLHGVTFGYQGQKPLFKNLDFGID(MSE)DSRICIVGPNGVGKSTLLLLL
TGKLTPTHGE(MSE)RKNHRLKIGFFNQQYAEQLR(MSE)EETPTEYLQRGFNLPYQDARKCLGRFGLESHAHTIQICKL
SGGQKARVVFAELACREPDVLILDEPTNNLDIESIDALGEAINEYKGAVIVVSHDARLITETNCQLWVVEEQSVSQIDGD
FEDYKREVLEALGEV(MSE)VSHHHH
;
_entity_poly.pdbx_strand_id   A,B
#
# COMPACT_ATOMS: atom_id res chain seq x y z
N ASN A 1 -10.30 -2.11 -12.52
CA ASN A 1 -9.08 -1.41 -12.92
C ASN A 1 -7.85 -2.22 -12.56
N ALA A 2 -7.19 -1.84 -11.47
CA ALA A 2 -5.96 -2.49 -11.01
C ALA A 2 -6.22 -3.16 -9.66
N SER A 3 -5.70 -4.37 -9.50
CA SER A 3 -5.90 -5.15 -8.29
C SER A 3 -4.79 -4.88 -7.28
N ASP A 4 -5.14 -5.01 -6.01
CA ASP A 4 -4.16 -4.94 -4.93
C ASP A 4 -3.57 -6.32 -4.67
N ILE A 5 -2.45 -6.34 -3.97
CA ILE A 5 -1.79 -7.57 -3.56
C ILE A 5 -1.99 -7.73 -2.05
N LYS A 6 -2.59 -8.85 -1.66
CA LYS A 6 -2.81 -9.17 -0.24
C LYS A 6 -2.50 -10.66 -0.07
N LEU A 7 -1.24 -10.98 0.22
CA LEU A 7 -0.81 -12.35 0.46
C LEU A 7 -0.42 -12.49 1.92
N GLU A 8 -1.17 -13.29 2.67
CA GLU A 8 -1.05 -13.30 4.13
C GLU A 8 -0.37 -14.56 4.62
N LYS A 9 0.51 -14.40 5.61
CA LYS A 9 1.24 -15.50 6.22
C LYS A 9 1.91 -16.41 5.17
N PHE A 10 2.66 -15.78 4.27
CA PHE A 10 3.55 -16.50 3.37
C PHE A 10 4.93 -16.65 4.00
N SER A 11 5.65 -17.66 3.54
CA SER A 11 6.99 -17.95 4.05
C SER A 11 7.92 -18.19 2.87
N ILE A 12 9.17 -17.74 3.01
CA ILE A 12 10.19 -17.92 1.99
C ILE A 12 11.47 -18.41 2.65
N SER A 13 11.95 -19.57 2.23
CA SER A 13 13.27 -20.07 2.60
C SER A 13 14.11 -20.15 1.33
N ALA A 14 15.33 -19.63 1.39
CA ALA A 14 16.20 -19.62 0.23
C ALA A 14 17.65 -19.66 0.68
N HIS A 15 18.47 -20.42 -0.05
CA HIS A 15 19.90 -20.56 0.25
C HIS A 15 20.13 -21.04 1.68
N GLY A 16 19.27 -21.95 2.14
CA GLY A 16 19.40 -22.50 3.48
C GLY A 16 19.08 -21.53 4.60
N LYS A 17 18.31 -20.48 4.33
CA LYS A 17 17.96 -19.48 5.32
C LYS A 17 16.46 -19.29 5.37
N GLU A 18 15.93 -19.15 6.59
CA GLU A 18 14.53 -18.83 6.79
C GLU A 18 14.38 -17.32 6.69
N LEU A 19 14.13 -16.83 5.48
CA LEU A 19 14.08 -15.40 5.25
C LEU A 19 12.75 -14.80 5.69
N PHE A 20 11.63 -15.47 5.38
CA PHE A 20 10.32 -14.96 5.74
C PHE A 20 9.50 -16.05 6.41
N VAL A 21 8.99 -15.76 7.60
CA VAL A 21 8.17 -16.69 8.37
C VAL A 21 6.86 -16.00 8.68
N ASN A 22 5.79 -16.42 7.99
CA ASN A 22 4.43 -15.91 8.22
C ASN A 22 4.36 -14.39 8.04
N ALA A 23 4.90 -13.92 6.91
CA ALA A 23 4.89 -12.51 6.57
C ALA A 23 3.66 -12.16 5.76
N ASP A 24 3.38 -10.85 5.67
CA ASP A 24 2.22 -10.37 4.95
C ASP A 24 2.66 -9.35 3.90
N LEU A 25 2.23 -9.58 2.66
CA LEU A 25 2.56 -8.71 1.53
C LEU A 25 1.29 -7.94 1.14
N TYR A 26 1.28 -6.65 1.46
CA TYR A 26 0.20 -5.74 1.12
C TYR A 26 0.75 -4.67 0.19
N ILE A 27 0.29 -4.67 -1.07
CA ILE A 27 0.72 -3.69 -2.07
C ILE A 27 -0.53 -3.12 -2.71
N VAL A 28 -0.89 -1.90 -2.33
CA VAL A 28 -2.05 -1.22 -2.90
C VAL A 28 -1.65 -0.59 -4.23
N ALA A 29 -2.47 -0.79 -5.25
CA ALA A 29 -2.19 -0.22 -6.55
C ALA A 29 -2.13 1.31 -6.48
N GLY A 30 -1.13 1.89 -7.14
CA GLY A 30 -0.97 3.32 -7.19
C GLY A 30 -0.06 3.90 -6.13
N ARG A 31 0.20 3.16 -5.05
N ARG A 31 0.19 3.16 -5.05
CA ARG A 31 1.06 3.65 -3.99
CA ARG A 31 1.06 3.64 -3.99
C ARG A 31 2.52 3.30 -4.28
C ARG A 31 2.52 3.37 -4.35
N ARG A 32 3.42 4.00 -3.59
CA ARG A 32 4.86 3.86 -3.78
C ARG A 32 5.49 3.42 -2.47
N TYR A 33 5.98 2.18 -2.47
CA TYR A 33 6.53 1.54 -1.29
C TYR A 33 8.06 1.54 -1.38
N GLY A 34 8.70 1.91 -0.26
CA GLY A 34 10.13 1.70 -0.11
C GLY A 34 10.36 0.55 0.86
N LEU A 35 11.12 -0.43 0.40
CA LEU A 35 11.43 -1.62 1.20
C LEU A 35 12.82 -1.46 1.79
N VAL A 36 12.89 -1.42 3.12
CA VAL A 36 14.14 -1.18 3.83
C VAL A 36 14.36 -2.30 4.84
N GLY A 37 15.63 -2.58 5.12
CA GLY A 37 16.01 -3.62 6.04
C GLY A 37 17.48 -3.94 5.94
N PRO A 38 18.03 -4.62 6.95
CA PRO A 38 19.46 -4.88 6.97
C PRO A 38 19.92 -5.70 5.77
N ASN A 39 21.22 -5.63 5.50
CA ASN A 39 21.80 -6.35 4.38
C ASN A 39 21.71 -7.86 4.61
N GLY A 40 21.37 -8.58 3.55
CA GLY A 40 21.31 -10.02 3.60
C GLY A 40 20.08 -10.62 4.24
N LYS A 41 19.01 -9.84 4.43
CA LYS A 41 17.82 -10.31 5.10
C LYS A 41 16.73 -10.81 4.15
N GLY A 42 16.86 -10.56 2.85
CA GLY A 42 15.93 -11.16 1.90
C GLY A 42 15.14 -10.20 1.04
N LYS A 43 15.64 -8.98 0.87
CA LYS A 43 14.92 -7.99 0.06
C LYS A 43 14.92 -8.39 -1.41
N THR A 44 16.10 -8.62 -1.98
CA THR A 44 16.21 -9.04 -3.37
C THR A 44 15.51 -10.38 -3.60
N THR A 45 15.62 -11.30 -2.64
CA THR A 45 14.94 -12.59 -2.77
C THR A 45 13.43 -12.39 -2.82
N LEU A 46 12.90 -11.50 -1.98
CA LEU A 46 11.47 -11.20 -2.02
C LEU A 46 11.05 -10.65 -3.37
N LEU A 47 11.81 -9.68 -3.90
CA LEU A 47 11.48 -9.13 -5.21
C LEU A 47 11.52 -10.19 -6.30
N LYS A 48 12.53 -11.05 -6.26
CA LYS A 48 12.65 -12.09 -7.29
C LYS A 48 11.51 -13.09 -7.19
N HIS A 49 11.07 -13.42 -5.96
CA HIS A 49 9.95 -14.34 -5.81
C HIS A 49 8.63 -13.71 -6.21
N ILE A 50 8.52 -12.38 -6.13
CA ILE A 50 7.33 -11.71 -6.63
C ILE A 50 7.34 -11.71 -8.16
N ALA A 51 8.49 -11.39 -8.77
CA ALA A 51 8.57 -11.38 -10.23
C ALA A 51 8.39 -12.77 -10.81
N ASN A 52 8.92 -13.80 -10.15
CA ASN A 52 8.74 -15.18 -10.60
C ASN A 52 7.30 -15.63 -10.50
N ARG A 53 6.49 -14.96 -9.68
CA ARG A 53 5.19 -15.46 -9.24
C ARG A 53 5.32 -16.80 -8.53
N ALA A 54 6.46 -16.99 -7.84
CA ALA A 54 6.57 -18.11 -6.90
C ALA A 54 5.64 -17.91 -5.71
N LEU A 55 5.39 -16.66 -5.34
CA LEU A 55 4.30 -16.30 -4.44
C LEU A 55 3.04 -16.08 -5.28
N SER A 56 1.90 -16.50 -4.75
CA SER A 56 0.65 -16.37 -5.50
C SER A 56 0.30 -14.88 -5.65
N ILE A 57 0.45 -14.38 -6.86
CA ILE A 57 0.26 -12.97 -7.17
C ILE A 57 -0.80 -12.85 -8.26
N PRO A 58 -1.75 -11.93 -8.16
CA PRO A 58 -2.75 -11.76 -9.21
C PRO A 58 -2.12 -11.32 -10.52
N PRO A 59 -2.79 -11.56 -11.65
CA PRO A 59 -2.20 -11.19 -12.95
C PRO A 59 -2.16 -9.70 -13.23
N ASN A 60 -1.28 -8.98 -12.53
CA ASN A 60 -0.92 -7.62 -12.89
C ASN A 60 0.39 -7.65 -13.67
N ILE A 61 0.58 -6.68 -14.56
CA ILE A 61 1.84 -6.62 -15.29
C ILE A 61 2.93 -6.15 -14.33
N ASP A 62 3.90 -7.02 -14.06
CA ASP A 62 4.92 -6.79 -13.06
C ASP A 62 6.28 -6.87 -13.72
N VAL A 63 7.17 -5.91 -13.40
CA VAL A 63 8.52 -5.92 -13.94
C VAL A 63 9.52 -5.70 -12.82
N LEU A 64 10.51 -6.58 -12.74
CA LEU A 64 11.68 -6.39 -11.89
C LEU A 64 12.88 -6.08 -12.78
N LEU A 65 13.67 -5.09 -12.39
CA LEU A 65 14.73 -4.54 -13.22
C LEU A 65 16.07 -5.21 -12.94
N CYS A 66 16.84 -5.43 -14.00
CA CYS A 66 18.19 -5.97 -13.89
C CYS A 66 18.95 -5.63 -15.17
N GLU A 67 20.24 -5.98 -15.19
CA GLU A 67 21.17 -5.47 -16.19
C GLU A 67 20.83 -5.95 -17.60
N GLN A 68 21.08 -5.08 -18.58
CA GLN A 68 20.69 -5.27 -19.97
C GLN A 68 21.86 -5.76 -20.81
N GLU A 69 21.55 -6.60 -21.80
CA GLU A 69 22.54 -7.40 -22.52
C GLU A 69 23.48 -6.54 -23.34
N VAL A 70 24.65 -7.08 -23.64
CA VAL A 70 25.67 -6.34 -24.38
C VAL A 70 25.85 -6.99 -25.74
N VAL A 71 25.63 -6.17 -26.79
CA VAL A 71 25.47 -6.55 -28.21
C VAL A 71 25.76 -5.31 -29.05
N ALA A 72 25.54 -5.39 -30.36
CA ALA A 72 25.76 -4.19 -31.17
C ALA A 72 24.57 -3.23 -31.15
N ASP A 73 23.51 -3.55 -30.39
CA ASP A 73 22.34 -2.69 -30.40
C ASP A 73 22.61 -1.35 -29.73
N GLU A 74 22.21 -0.28 -30.44
CA GLU A 74 22.29 1.07 -29.89
C GLU A 74 21.35 1.21 -28.71
N THR A 75 21.76 2.05 -27.75
CA THR A 75 21.04 2.23 -26.49
C THR A 75 19.56 2.63 -26.64
N PRO A 76 19.19 3.62 -27.46
CA PRO A 76 17.77 3.94 -27.56
C PRO A 76 16.98 2.81 -28.21
N ALA A 77 17.64 1.98 -29.04
CA ALA A 77 16.95 0.84 -29.62
C ALA A 77 16.66 -0.23 -28.57
N VAL A 78 17.57 -0.44 -27.62
CA VAL A 78 17.22 -1.43 -26.59
C VAL A 78 16.12 -0.89 -25.70
N GLN A 79 15.95 0.44 -25.65
CA GLN A 79 14.80 0.98 -24.93
C GLN A 79 13.50 0.83 -25.72
N ALA A 80 13.54 1.23 -26.97
CA ALA A 80 12.34 1.34 -27.79
C ALA A 80 11.56 0.03 -27.85
N VAL A 81 12.24 -1.05 -28.20
CA VAL A 81 11.60 -2.36 -28.19
C VAL A 81 12.46 -3.40 -27.47
N GLY A 124 3.99 9.28 -33.76
CA GLY A 124 3.84 8.14 -32.90
C GLY A 124 5.16 7.51 -32.51
N ALA A 125 5.83 6.90 -33.49
CA ALA A 125 7.17 6.38 -33.25
C ALA A 125 8.15 7.50 -32.93
N ALA A 126 7.93 8.69 -33.52
CA ALA A 126 8.74 9.84 -33.16
C ALA A 126 8.57 10.18 -31.69
N ALA A 127 7.33 10.16 -31.20
CA ALA A 127 7.09 10.43 -29.78
C ALA A 127 7.76 9.39 -28.88
N ALA A 128 7.67 8.12 -29.26
CA ALA A 128 8.26 7.06 -28.45
C ALA A 128 9.79 7.17 -28.42
N GLU A 129 10.40 7.44 -29.58
CA GLU A 129 11.86 7.61 -29.63
C GLU A 129 12.28 8.82 -28.82
N ALA A 130 11.51 9.92 -28.89
CA ALA A 130 11.82 11.09 -28.09
C ALA A 130 11.72 10.80 -26.60
N LYS A 131 10.72 10.00 -26.21
CA LYS A 131 10.59 9.62 -24.80
C LYS A 131 11.78 8.79 -24.34
N ALA A 132 12.17 7.79 -25.14
CA ALA A 132 13.32 6.97 -24.80
C ALA A 132 14.59 7.81 -24.67
N ARG A 133 14.81 8.72 -25.62
CA ARG A 133 16.00 9.58 -25.56
C ARG A 133 15.95 10.53 -24.38
N ARG A 134 14.75 11.00 -24.00
CA ARG A 134 14.63 11.84 -22.83
C ARG A 134 15.02 11.09 -21.57
N ILE A 135 14.52 9.86 -21.43
CA ILE A 135 14.89 9.05 -20.26
C ILE A 135 16.39 8.77 -20.24
N LEU A 136 16.97 8.52 -21.41
CA LEU A 136 18.40 8.24 -21.46
C LEU A 136 19.23 9.46 -21.11
N ALA A 137 18.87 10.62 -21.66
CA ALA A 137 19.57 11.86 -21.31
C ALA A 137 19.46 12.15 -19.83
N GLY A 138 18.29 11.87 -19.24
CA GLY A 138 18.14 12.06 -17.81
C GLY A 138 19.06 11.18 -16.98
N LEU A 139 19.41 10.01 -17.49
CA LEU A 139 20.30 9.08 -16.79
C LEU A 139 21.76 9.28 -17.14
N GLY A 140 22.09 10.32 -17.91
CA GLY A 140 23.45 10.67 -18.21
C GLY A 140 23.95 10.31 -19.61
N PHE A 141 23.07 10.08 -20.57
CA PHE A 141 23.44 9.70 -21.92
C PHE A 141 23.39 10.92 -22.82
N ASP A 142 24.54 11.33 -23.34
CA ASP A 142 24.58 12.37 -24.37
C ASP A 142 24.18 11.74 -25.71
N PRO A 143 23.97 12.56 -26.75
CA PRO A 143 23.59 11.98 -28.05
C PRO A 143 24.50 10.86 -28.54
N GLU A 144 25.83 11.00 -28.37
CA GLU A 144 26.73 9.92 -28.79
C GLU A 144 26.46 8.64 -28.02
N GLN A 146 23.85 7.85 -26.45
CA GLN A 146 22.56 7.38 -26.94
C GLN A 146 22.77 6.43 -28.12
N ASN A 147 23.28 6.95 -29.23
CA ASN A 147 23.48 6.12 -30.41
C ASN A 147 24.69 5.19 -30.30
N ARG A 148 25.19 4.91 -29.09
CA ARG A 148 26.34 4.03 -28.98
C ARG A 148 25.89 2.58 -28.78
N PRO A 149 26.54 1.63 -29.43
CA PRO A 149 26.21 0.21 -29.20
C PRO A 149 26.36 -0.17 -27.73
N THR A 150 25.43 -0.98 -27.27
CA THR A 150 25.44 -1.41 -25.87
C THR A 150 26.70 -2.18 -25.48
N GLN A 151 27.51 -2.66 -26.45
CA GLN A 151 28.79 -3.31 -26.12
C GLN A 151 29.87 -2.37 -25.62
N LYS A 152 29.85 -1.11 -26.02
CA LYS A 152 30.88 -0.17 -25.64
C LYS A 152 30.58 0.53 -24.32
N PHE A 153 29.75 -0.07 -23.48
CA PHE A 153 29.41 0.46 -22.17
C PHE A 153 29.86 -0.49 -21.08
N SER A 154 30.30 0.07 -19.96
CA SER A 154 30.64 -0.74 -18.80
C SER A 154 29.37 -1.31 -18.17
N GLY A 155 29.54 -2.07 -17.09
CA GLY A 155 28.40 -2.71 -16.46
C GLY A 155 27.41 -1.70 -15.88
N GLY A 156 27.91 -0.67 -15.19
CA GLY A 156 27.02 0.31 -14.60
C GLY A 156 26.19 1.05 -15.62
N TRP A 157 26.78 1.39 -16.76
CA TRP A 157 26.02 2.07 -17.80
C TRP A 157 24.99 1.15 -18.42
N ARG A 158 25.28 -0.15 -18.52
CA ARG A 158 24.27 -1.10 -18.97
C ARG A 158 23.14 -1.21 -17.96
N ARG A 160 22.13 1.24 -16.21
CA ARG A 160 21.35 2.46 -16.48
C ARG A 160 20.45 2.29 -17.70
N VAL A 161 20.97 1.67 -18.76
CA VAL A 161 20.21 1.35 -19.95
C VAL A 161 18.96 0.53 -19.59
N SER A 162 19.14 -0.50 -18.76
CA SER A 162 18.01 -1.31 -18.32
C SER A 162 17.01 -0.51 -17.48
N LEU A 163 17.53 0.37 -16.62
CA LEU A 163 16.67 1.27 -15.86
C LEU A 163 15.79 2.10 -16.79
N ALA A 164 16.40 2.66 -17.83
CA ALA A 164 15.64 3.40 -18.83
C ALA A 164 14.56 2.52 -19.44
N ARG A 165 14.86 1.23 -19.62
CA ARG A 165 13.86 0.35 -20.25
C ARG A 165 12.63 0.20 -19.38
N ALA A 166 12.83 -0.16 -18.13
CA ALA A 166 11.67 -0.38 -17.27
C ALA A 166 10.91 0.90 -17.03
N LEU A 167 11.61 2.04 -16.98
CA LEU A 167 10.88 3.31 -16.87
C LEU A 167 10.08 3.60 -18.14
N PHE A 168 10.62 3.22 -19.31
CA PHE A 168 9.93 3.47 -20.57
C PHE A 168 8.69 2.60 -20.71
N GLU A 170 6.69 1.50 -18.46
CA GLU A 170 5.65 1.97 -17.55
C GLU A 170 4.70 0.85 -17.10
N PRO A 171 5.21 -0.16 -16.37
CA PRO A 171 4.36 -1.27 -15.97
C PRO A 171 3.46 -0.88 -14.81
N THR A 172 2.44 -1.70 -14.56
CA THR A 172 1.55 -1.47 -13.44
C THR A 172 2.31 -1.53 -12.12
N LEU A 173 3.14 -2.55 -11.94
CA LEU A 173 3.98 -2.70 -10.75
C LEU A 173 5.44 -2.78 -11.18
N LEU A 174 6.18 -1.71 -10.90
CA LEU A 174 7.61 -1.66 -11.19
C LEU A 174 8.40 -1.86 -9.90
N LEU A 176 12.17 -1.89 -8.26
CA LEU A 176 13.55 -1.43 -8.43
C LEU A 176 14.37 -1.86 -7.21
N ASP A 177 15.52 -2.49 -7.47
CA ASP A 177 16.40 -3.00 -6.43
C ASP A 177 17.61 -2.07 -6.32
N GLU A 178 17.57 -1.19 -5.33
CA GLU A 178 18.64 -0.22 -5.09
C GLU A 178 19.00 0.57 -6.35
N PRO A 179 18.05 1.30 -6.93
CA PRO A 179 18.31 1.90 -8.26
C PRO A 179 19.33 3.03 -8.24
N THR A 180 19.45 3.77 -7.14
CA THR A 180 20.38 4.89 -7.08
C THR A 180 21.76 4.48 -6.57
N ASN A 181 21.96 3.22 -6.18
CA ASN A 181 23.18 2.85 -5.47
C ASN A 181 24.43 3.01 -6.33
N HIS A 182 24.31 2.83 -7.65
CA HIS A 182 25.46 2.94 -8.53
C HIS A 182 25.30 4.05 -9.57
N LEU A 183 24.32 4.93 -9.39
CA LEU A 183 24.21 6.12 -10.21
C LEU A 183 25.07 7.24 -9.64
N ASP A 184 25.37 8.21 -10.50
CA ASP A 184 25.98 9.45 -10.04
C ASP A 184 24.90 10.43 -9.60
N LEU A 185 25.32 11.58 -9.07
CA LEU A 185 24.38 12.49 -8.46
C LEU A 185 23.41 13.08 -9.47
N ASN A 186 23.90 13.40 -10.68
CA ASN A 186 23.02 13.97 -11.70
C ASN A 186 21.89 13.00 -12.05
N ALA A 187 22.25 11.72 -12.22
CA ALA A 187 21.25 10.71 -12.54
C ALA A 187 20.25 10.53 -11.40
N VAL A 188 20.71 10.58 -10.15
CA VAL A 188 19.80 10.45 -9.03
C VAL A 188 18.86 11.65 -8.96
N ILE A 189 19.38 12.85 -9.20
CA ILE A 189 18.53 14.04 -9.23
C ILE A 189 17.42 13.86 -10.26
N TRP A 190 17.79 13.48 -11.48
CA TRP A 190 16.78 13.30 -12.53
C TRP A 190 15.80 12.19 -12.17
N LEU A 191 16.29 11.07 -11.64
CA LEU A 191 15.42 9.93 -11.35
C LEU A 191 14.43 10.23 -10.24
N ASN A 192 14.90 10.89 -9.17
CA ASN A 192 14.02 11.39 -8.12
C ASN A 192 12.92 12.26 -8.72
N ASN A 193 13.32 13.28 -9.48
CA ASN A 193 12.34 14.21 -10.05
C ASN A 193 11.36 13.49 -10.97
N TYR A 194 11.83 12.48 -11.70
CA TYR A 194 10.97 11.76 -12.64
C TYR A 194 9.96 10.88 -11.90
N LEU A 195 10.45 10.12 -10.91
CA LEU A 195 9.59 9.19 -10.19
C LEU A 195 8.56 9.91 -9.31
N GLN A 196 8.79 11.19 -9.00
CA GLN A 196 7.73 11.89 -8.28
C GLN A 196 6.46 12.05 -9.10
N GLY A 197 6.56 12.08 -10.42
CA GLY A 197 5.40 12.12 -11.29
C GLY A 197 4.85 10.78 -11.70
N TRP A 198 5.42 9.70 -11.15
CA TRP A 198 4.97 8.35 -11.47
C TRP A 198 3.58 8.11 -10.90
N ARG A 199 2.69 7.53 -11.72
CA ARG A 199 1.31 7.32 -11.31
C ARG A 199 0.97 5.87 -11.02
N LYS A 200 1.83 4.93 -11.40
CA LYS A 200 1.57 3.50 -11.17
C LYS A 200 2.29 3.03 -9.91
N THR A 201 2.22 1.73 -9.66
CA THR A 201 2.71 1.16 -8.40
C THR A 201 4.22 0.94 -8.45
N LEU A 202 4.89 1.34 -7.37
CA LEU A 202 6.33 1.23 -7.22
C LEU A 202 6.67 0.40 -5.99
N LEU A 203 7.71 -0.42 -6.11
CA LEU A 203 8.29 -1.13 -4.98
C LEU A 203 9.81 -1.01 -5.09
N ILE A 204 10.42 -0.21 -4.23
CA ILE A 204 11.81 0.20 -4.36
C ILE A 204 12.57 -0.20 -3.11
N VAL A 205 13.54 -1.10 -3.26
CA VAL A 205 14.50 -1.36 -2.20
C VAL A 205 15.58 -0.29 -2.27
N SER A 206 15.92 0.30 -1.13
CA SER A 206 16.87 1.41 -1.14
C SER A 206 17.34 1.69 0.27
N HIS A 207 18.58 2.17 0.38
CA HIS A 207 19.07 2.82 1.59
C HIS A 207 19.48 4.27 1.29
N ASP A 208 18.86 4.86 0.27
CA ASP A 208 19.03 6.27 -0.08
C ASP A 208 17.89 7.04 0.58
N GLN A 209 18.21 7.74 1.68
CA GLN A 209 17.16 8.30 2.53
C GLN A 209 16.41 9.44 1.85
N GLY A 210 17.12 10.36 1.21
CA GLY A 210 16.44 11.46 0.53
C GLY A 210 15.56 10.98 -0.61
N PHE A 211 16.05 10.01 -1.38
CA PHE A 211 15.25 9.39 -2.43
C PHE A 211 13.96 8.80 -1.87
N LEU A 212 14.07 8.00 -0.80
CA LEU A 212 12.91 7.39 -0.19
C LEU A 212 11.95 8.45 0.35
N ASP A 213 12.48 9.52 0.92
CA ASP A 213 11.63 10.58 1.47
C ASP A 213 10.89 11.32 0.37
N ASP A 214 11.54 11.51 -0.78
CA ASP A 214 10.93 12.29 -1.85
C ASP A 214 9.98 11.49 -2.72
N VAL A 215 10.12 10.16 -2.78
CA VAL A 215 9.36 9.35 -3.72
C VAL A 215 8.27 8.54 -3.04
N CYS A 216 8.55 7.95 -1.88
CA CYS A 216 7.70 6.91 -1.33
C CYS A 216 6.55 7.47 -0.50
N THR A 217 5.38 6.87 -0.67
CA THR A 217 4.22 7.12 0.18
C THR A 217 4.08 6.11 1.31
N ASP A 218 4.77 4.97 1.22
CA ASP A 218 4.73 3.96 2.27
C ASP A 218 6.13 3.37 2.47
N ILE A 219 6.37 2.86 3.68
CA ILE A 219 7.61 2.17 4.00
C ILE A 219 7.29 0.79 4.53
N ILE A 220 7.97 -0.21 3.98
CA ILE A 220 7.91 -1.59 4.45
C ILE A 220 9.27 -1.93 5.03
N HIS A 221 9.28 -2.34 6.29
CA HIS A 221 10.49 -2.67 7.03
C HIS A 221 10.58 -4.19 7.17
N LEU A 222 11.67 -4.76 6.69
CA LEU A 222 11.96 -6.18 6.85
C LEU A 222 12.62 -6.36 8.21
N ASP A 223 11.87 -6.88 9.18
CA ASP A 223 12.37 -7.07 10.53
C ASP A 223 11.84 -8.39 11.07
N ALA A 224 12.72 -9.16 11.71
CA ALA A 224 12.37 -10.44 12.34
C ALA A 224 11.59 -11.33 11.37
N GLN A 225 12.14 -11.46 10.16
CA GLN A 225 11.58 -12.32 9.11
C GLN A 225 10.17 -11.93 8.72
N ARG A 226 9.77 -10.69 8.99
CA ARG A 226 8.43 -10.24 8.67
C ARG A 226 8.48 -8.85 8.04
N LEU A 227 7.37 -8.46 7.43
CA LEU A 227 7.20 -7.15 6.82
C LEU A 227 6.31 -6.30 7.70
N HIS A 228 6.78 -5.10 8.04
CA HIS A 228 6.06 -4.17 8.89
C HIS A 228 5.77 -2.91 8.10
N TYR A 229 4.55 -2.41 8.17
CA TYR A 229 4.08 -1.38 7.26
C TYR A 229 3.90 -0.05 7.99
N TYR A 230 4.30 1.02 7.32
CA TYR A 230 4.23 2.38 7.85
C TYR A 230 3.72 3.29 6.73
N ARG A 231 2.70 4.08 7.05
CA ARG A 231 2.14 5.01 6.07
C ARG A 231 2.88 6.34 6.16
N GLY A 232 3.55 6.70 5.06
CA GLY A 232 4.43 7.85 5.00
C GLY A 232 5.79 7.46 4.49
N ASN A 233 6.64 8.47 4.35
CA ASN A 233 7.99 8.24 3.81
C ASN A 233 8.90 7.74 4.92
N TYR A 234 10.22 7.77 4.67
CA TYR A 234 11.16 7.21 5.63
C TYR A 234 11.19 7.99 6.94
N THR A 236 8.67 9.37 8.49
CA THR A 236 7.57 8.83 9.28
C THR A 236 7.92 7.46 9.84
N PHE A 237 8.56 6.61 9.03
CA PHE A 237 8.92 5.27 9.49
C PHE A 237 9.88 5.33 10.66
N LYS A 238 10.88 6.21 10.58
CA LYS A 238 11.89 6.27 11.64
C LYS A 238 11.29 6.84 12.92
N LYS A 239 10.41 7.83 12.78
CA LYS A 239 9.66 8.31 13.94
C LYS A 239 8.89 7.17 14.62
N TYR A 241 9.14 3.91 14.28
CA TYR A 241 9.95 2.79 14.72
C TYR A 241 10.69 3.10 16.03
N GLN A 242 11.32 4.28 16.11
CA GLN A 242 12.01 4.62 17.34
C GLN A 242 11.02 4.77 18.50
N GLN A 243 9.80 5.26 18.22
CA GLN A 243 8.79 5.30 19.27
C GLN A 243 8.35 3.89 19.69
N LYS A 244 8.24 2.97 18.73
CA LYS A 244 7.90 1.60 19.07
C LYS A 244 8.96 0.98 19.97
N GLN A 245 10.24 1.24 19.66
CA GLN A 245 11.31 0.64 20.46
C GLN A 245 11.36 1.22 21.87
N LYS A 246 11.17 2.54 22.00
CA LYS A 246 11.11 3.12 23.34
C LYS A 246 9.99 2.47 24.17
N GLU A 247 8.82 2.28 23.56
CA GLU A 247 7.71 1.72 24.33
C GLU A 247 7.92 0.25 24.65
N LEU A 248 8.55 -0.51 23.73
CA LEU A 248 8.88 -1.90 24.04
C LEU A 248 9.82 -1.99 25.24
N LEU A 249 10.81 -1.11 25.30
CA LEU A 249 11.69 -1.09 26.46
C LEU A 249 10.91 -0.81 27.74
N LYS A 250 10.00 0.18 27.70
CA LYS A 250 9.27 0.49 28.92
C LYS A 250 8.37 -0.66 29.36
N GLN A 251 7.74 -1.35 28.41
CA GLN A 251 6.87 -2.47 28.75
C GLN A 251 7.67 -3.64 29.31
N TYR A 252 8.84 -3.91 28.73
CA TYR A 252 9.70 -4.95 29.27
C TYR A 252 10.11 -4.65 30.71
N GLU A 253 10.46 -3.38 30.98
CA GLU A 253 10.89 -3.04 32.34
C GLU A 253 9.74 -3.16 33.34
N LYS A 254 8.54 -2.71 32.96
CA LYS A 254 7.40 -2.84 33.87
C LYS A 254 7.07 -4.32 34.09
N GLN A 255 7.20 -5.15 33.04
CA GLN A 255 6.99 -6.58 33.19
C GLN A 255 7.93 -7.18 34.22
N GLU A 256 9.23 -6.88 34.10
CA GLU A 256 10.21 -7.47 35.02
C GLU A 256 10.03 -6.94 36.44
N LYS A 257 9.65 -5.66 36.59
CA LYS A 257 9.40 -5.14 37.92
C LYS A 257 8.20 -5.81 38.58
N LYS A 258 7.11 -6.00 37.81
CA LYS A 258 5.97 -6.69 38.38
C LYS A 258 6.28 -8.14 38.70
N LEU A 259 7.15 -8.78 37.90
CA LEU A 259 7.55 -10.15 38.21
C LEU A 259 8.33 -10.21 39.52
N LYS A 260 9.27 -9.28 39.71
CA LYS A 260 10.02 -9.22 40.96
C LYS A 260 9.09 -8.95 42.14
N GLU A 261 8.09 -8.10 41.95
CA GLU A 261 7.16 -7.81 43.03
C GLU A 261 6.33 -9.03 43.39
N LEU A 262 5.85 -9.77 42.37
CA LEU A 262 5.13 -11.02 42.63
C LEU A 262 6.00 -11.99 43.41
N LYS A 263 7.26 -12.15 42.99
CA LYS A 263 8.12 -13.14 43.61
C LYS A 263 8.48 -12.75 45.04
N ALA A 264 8.68 -11.45 45.30
CA ALA A 264 9.07 -11.02 46.64
C ALA A 264 7.92 -11.12 47.63
N GLY A 265 6.68 -10.93 47.18
CA GLY A 265 5.53 -10.97 48.05
C GLY A 265 4.87 -12.34 48.14
N GLU A 301 5.04 -15.82 25.03
CA GLU A 301 4.28 -14.91 25.87
C GLU A 301 5.17 -13.83 26.46
N LEU A 302 6.20 -14.25 27.18
CA LEU A 302 7.06 -13.31 27.90
C LEU A 302 7.86 -12.45 26.92
N LEU A 303 8.08 -11.20 27.31
CA LEU A 303 8.79 -10.24 26.48
C LEU A 303 10.30 -10.35 26.68
N LYS A 304 11.04 -9.96 25.65
CA LYS A 304 12.49 -9.88 25.70
C LYS A 304 12.93 -8.42 25.72
N ARG A 305 14.13 -8.19 26.24
CA ARG A 305 14.71 -6.86 26.21
C ARG A 305 14.99 -6.47 24.76
N PRO A 306 14.58 -5.28 24.32
CA PRO A 306 14.89 -4.87 22.95
C PRO A 306 16.38 -4.70 22.73
N LYS A 307 16.76 -4.65 21.46
CA LYS A 307 18.15 -4.56 21.06
C LYS A 307 18.54 -3.12 20.78
N GLU A 308 19.74 -2.74 21.19
CA GLU A 308 20.28 -1.43 20.86
C GLU A 308 21.05 -1.48 19.54
N TYR A 309 21.21 -0.32 18.93
CA TYR A 309 21.99 -0.18 17.70
C TYR A 309 22.58 1.22 17.70
N THR A 310 23.73 1.38 18.34
CA THR A 310 24.34 2.69 18.59
C THR A 310 25.58 2.81 17.72
N VAL A 311 25.42 3.42 16.55
CA VAL A 311 26.54 3.77 15.69
C VAL A 311 26.94 5.21 15.96
N ARG A 312 28.25 5.44 16.04
CA ARG A 312 28.81 6.78 16.22
C ARG A 312 30.05 6.88 15.35
N PHE A 313 29.96 7.63 14.26
CA PHE A 313 31.04 7.73 13.29
C PHE A 313 32.02 8.85 13.60
N THR A 314 32.05 9.32 14.84
CA THR A 314 32.85 10.48 15.20
C THR A 314 34.32 10.28 14.86
N PHE A 315 34.91 11.31 14.24
CA PHE A 315 36.33 11.36 13.95
C PHE A 315 37.02 12.36 14.88
N PRO A 316 38.24 12.08 15.33
CA PRO A 316 38.91 13.03 16.23
C PRO A 316 39.22 14.34 15.54
N ASP A 317 39.03 15.43 16.27
CA ASP A 317 39.23 16.76 15.70
C ASP A 317 40.72 17.05 15.57
N PRO A 318 41.18 17.53 14.41
CA PRO A 318 42.62 17.72 14.20
C PRO A 318 43.11 18.94 14.94
N PRO A 319 44.39 18.95 15.33
CA PRO A 319 44.98 20.17 15.89
C PRO A 319 45.19 21.21 14.80
N PRO A 320 45.47 22.46 15.16
CA PRO A 320 45.61 23.49 14.13
C PRO A 320 46.75 23.19 13.16
N LEU A 321 46.55 23.60 11.91
CA LEU A 321 47.51 23.38 10.84
C LEU A 321 47.72 24.67 10.07
N SER A 322 48.98 25.02 9.85
CA SER A 322 49.28 26.25 9.12
C SER A 322 49.15 26.02 7.62
N PRO A 323 48.58 26.97 6.88
CA PRO A 323 48.46 26.82 5.43
C PRO A 323 49.83 26.86 4.77
N PRO A 324 49.95 26.36 3.53
CA PRO A 324 48.90 25.73 2.72
C PRO A 324 48.55 24.31 3.19
N VAL A 325 47.32 23.89 2.92
CA VAL A 325 46.80 22.62 3.40
C VAL A 325 46.99 21.55 2.34
N LEU A 326 46.30 21.69 1.22
CA LEU A 326 46.34 20.73 0.13
C LEU A 326 45.85 21.40 -1.14
N GLY A 327 46.58 21.20 -2.24
CA GLY A 327 46.22 21.84 -3.49
C GLY A 327 46.87 21.18 -4.68
N LEU A 328 46.20 21.30 -5.82
CA LEU A 328 46.74 20.96 -7.13
C LEU A 328 47.07 22.24 -7.86
N HIS A 329 48.27 22.29 -8.44
CA HIS A 329 48.79 23.50 -9.09
C HIS A 329 49.21 23.14 -10.51
N GLY A 330 48.49 23.71 -11.48
CA GLY A 330 48.76 23.48 -12.89
C GLY A 330 48.77 22.02 -13.27
N VAL A 331 47.90 21.22 -12.65
CA VAL A 331 47.96 19.77 -12.79
C VAL A 331 47.32 19.35 -14.11
N THR A 332 48.06 18.57 -14.89
CA THR A 332 47.54 17.88 -16.05
C THR A 332 47.71 16.39 -15.82
N PHE A 333 46.65 15.62 -16.05
CA PHE A 333 46.75 14.18 -15.88
C PHE A 333 45.84 13.47 -16.88
N GLY A 334 46.33 12.34 -17.38
CA GLY A 334 45.54 11.43 -18.18
C GLY A 334 46.16 10.05 -18.09
N TYR A 335 45.44 9.07 -18.59
CA TYR A 335 45.95 7.71 -18.64
C TYR A 335 46.60 7.45 -19.99
N GLN A 336 47.57 6.52 -19.99
CA GLN A 336 48.37 6.24 -21.18
C GLN A 336 47.48 6.00 -22.39
N GLY A 337 47.79 6.70 -23.49
CA GLY A 337 47.07 6.52 -24.72
C GLY A 337 45.66 7.07 -24.73
N GLN A 338 45.34 7.98 -23.82
CA GLN A 338 44.01 8.58 -23.76
C GLN A 338 44.10 10.09 -23.58
N LYS A 339 43.09 10.79 -24.07
CA LYS A 339 43.04 12.23 -23.94
C LYS A 339 42.97 12.62 -22.47
N PRO A 340 43.73 13.63 -22.04
CA PRO A 340 43.86 13.91 -20.60
C PRO A 340 42.53 14.26 -19.95
N LEU A 341 42.35 13.80 -18.72
CA LEU A 341 41.13 14.07 -17.97
C LEU A 341 41.14 15.45 -17.34
N PHE A 342 42.31 15.98 -17.03
CA PHE A 342 42.46 17.31 -16.45
C PHE A 342 43.63 18.01 -17.10
N LYS A 343 43.46 19.30 -17.40
CA LYS A 343 44.50 20.12 -17.99
C LYS A 343 44.58 21.42 -17.20
N ASN A 344 45.79 21.78 -16.77
CA ASN A 344 46.05 23.04 -16.08
C ASN A 344 45.08 23.26 -14.92
N LEU A 345 44.98 22.25 -14.07
CA LEU A 345 44.00 22.24 -12.98
C LEU A 345 44.59 22.90 -11.74
N ASP A 346 43.87 23.89 -11.21
CA ASP A 346 44.21 24.53 -9.95
C ASP A 346 43.04 24.32 -9.00
N PHE A 347 43.33 23.75 -7.82
CA PHE A 347 42.24 23.44 -6.89
C PHE A 347 42.81 23.19 -5.50
N GLY A 348 42.38 23.98 -4.51
CA GLY A 348 42.90 23.86 -3.18
C GLY A 348 41.78 23.80 -2.14
N ILE A 349 42.15 23.37 -0.93
CA ILE A 349 41.20 23.27 0.17
C ILE A 349 41.75 23.97 1.40
N ASP A 350 40.83 24.35 2.29
CA ASP A 350 41.11 24.84 3.63
C ASP A 350 40.79 23.74 4.64
N ASP A 352 38.56 23.82 6.85
CA ASP A 352 37.12 23.76 7.08
C ASP A 352 36.35 23.46 5.80
N SER A 353 37.04 23.06 4.74
CA SER A 353 36.37 22.84 3.46
C SER A 353 35.38 21.70 3.54
N ARG A 354 34.22 21.90 2.92
CA ARG A 354 33.25 20.85 2.68
C ARG A 354 33.02 20.83 1.18
N ILE A 355 33.61 19.86 0.49
CA ILE A 355 33.60 19.80 -0.97
C ILE A 355 32.92 18.52 -1.42
N CYS A 356 31.96 18.63 -2.32
CA CYS A 356 31.36 17.48 -2.99
C CYS A 356 31.67 17.57 -4.48
N ILE A 357 32.41 16.60 -4.98
CA ILE A 357 32.78 16.53 -6.40
C ILE A 357 31.66 15.81 -7.15
N VAL A 358 31.08 16.49 -8.14
CA VAL A 358 29.96 15.96 -8.90
C VAL A 358 30.34 15.89 -10.38
N GLY A 359 29.49 15.21 -11.14
CA GLY A 359 29.73 14.95 -12.54
C GLY A 359 29.35 13.54 -12.90
N PRO A 360 29.03 13.30 -14.16
CA PRO A 360 28.62 11.95 -14.58
C PRO A 360 29.77 10.96 -14.45
N ASN A 361 29.41 9.72 -14.14
CA ASN A 361 30.42 8.67 -13.99
C ASN A 361 31.24 8.54 -15.26
N GLY A 362 32.54 8.31 -15.10
CA GLY A 362 33.46 8.28 -16.22
C GLY A 362 34.10 9.61 -16.55
N VAL A 363 33.74 10.69 -15.85
CA VAL A 363 34.33 12.00 -16.11
C VAL A 363 35.65 12.21 -15.37
N GLY A 364 35.91 11.46 -14.29
CA GLY A 364 37.19 11.54 -13.61
C GLY A 364 37.14 11.99 -12.17
N LYS A 365 36.01 11.74 -11.49
CA LYS A 365 35.89 12.15 -10.09
C LYS A 365 36.86 11.36 -9.20
N SER A 366 36.87 10.03 -9.36
CA SER A 366 37.78 9.20 -8.60
C SER A 366 39.23 9.53 -8.92
N THR A 367 39.53 9.78 -10.20
CA THR A 367 40.88 10.20 -10.58
C THR A 367 41.27 11.48 -9.87
N LEU A 368 40.34 12.44 -9.76
CA LEU A 368 40.63 13.68 -9.05
C LEU A 368 40.94 13.41 -7.58
N LEU A 369 40.15 12.54 -6.94
CA LEU A 369 40.43 12.21 -5.55
C LEU A 369 41.81 11.57 -5.40
N LEU A 370 42.15 10.64 -6.30
CA LEU A 370 43.45 9.98 -6.24
C LEU A 370 44.60 10.97 -6.46
N LEU A 371 44.39 11.98 -7.31
CA LEU A 371 45.38 13.03 -7.45
C LEU A 371 45.51 13.84 -6.17
N LEU A 372 44.40 14.07 -5.48
CA LEU A 372 44.45 14.81 -4.23
C LEU A 372 45.16 14.03 -3.13
N THR A 373 45.08 12.70 -3.16
CA THR A 373 45.77 11.90 -2.16
C THR A 373 47.24 11.66 -2.48
N GLY A 374 47.66 11.86 -3.73
CA GLY A 374 49.01 11.58 -4.15
C GLY A 374 49.24 10.19 -4.71
N LYS A 375 48.21 9.33 -4.69
CA LYS A 375 48.36 7.98 -5.23
C LYS A 375 48.38 7.96 -6.76
N LEU A 376 48.04 9.07 -7.41
CA LEU A 376 48.28 9.26 -8.83
C LEU A 376 49.19 10.48 -9.00
N THR A 377 50.22 10.34 -9.83
CA THR A 377 51.17 11.42 -10.03
C THR A 377 50.82 12.21 -11.28
N PRO A 378 50.79 13.54 -11.20
CA PRO A 378 50.45 14.34 -12.38
C PRO A 378 51.45 14.17 -13.51
N THR A 379 50.93 14.24 -14.74
CA THR A 379 51.79 14.33 -15.92
C THR A 379 52.54 15.66 -15.96
N HIS A 380 51.84 16.74 -15.61
CA HIS A 380 52.41 18.07 -15.53
C HIS A 380 51.82 18.77 -14.32
N GLY A 381 52.50 19.81 -13.84
CA GLY A 381 52.08 20.47 -12.62
C GLY A 381 52.41 19.60 -11.43
N GLU A 382 51.82 19.95 -10.27
CA GLU A 382 52.11 19.14 -9.09
C GLU A 382 51.04 19.32 -8.04
N ARG A 384 50.64 19.70 -4.00
CA ARG A 384 51.40 20.12 -2.83
C ARG A 384 50.48 20.10 -1.62
N LYS A 385 50.97 19.50 -0.54
CA LYS A 385 50.25 19.49 0.73
C LYS A 385 51.22 19.77 1.86
N ASN A 386 50.68 20.24 2.97
CA ASN A 386 51.48 20.38 4.19
C ASN A 386 52.13 19.06 4.53
N HIS A 387 53.45 19.09 4.78
CA HIS A 387 54.18 17.87 5.05
C HIS A 387 53.73 17.16 6.32
N ARG A 388 52.94 17.82 7.17
CA ARG A 388 52.36 17.20 8.35
C ARG A 388 50.90 16.80 8.14
N LEU A 389 50.33 17.08 6.97
CA LEU A 389 48.94 16.72 6.70
C LEU A 389 48.77 15.21 6.68
N LYS A 390 47.77 14.71 7.39
CA LYS A 390 47.43 13.30 7.40
C LYS A 390 46.07 13.14 6.72
N ILE A 391 46.04 12.32 5.68
CA ILE A 391 44.84 12.11 4.88
C ILE A 391 44.20 10.79 5.25
N GLY A 392 42.89 10.79 5.46
CA GLY A 392 42.13 9.57 5.57
C GLY A 392 41.29 9.37 4.32
N PHE A 393 41.54 8.29 3.60
CA PHE A 393 40.98 8.07 2.27
C PHE A 393 40.11 6.83 2.26
N PHE A 394 38.91 6.96 1.71
CA PHE A 394 37.97 5.85 1.58
C PHE A 394 37.62 5.67 0.10
N ASN A 395 37.66 4.42 -0.36
CA ASN A 395 37.00 4.01 -1.59
C ASN A 395 36.77 2.51 -1.51
N GLN A 396 35.86 2.02 -2.34
CA GLN A 396 35.41 0.64 -2.23
C GLN A 396 36.52 -0.36 -2.54
N GLN A 397 37.43 -0.01 -3.46
CA GLN A 397 38.47 -0.96 -3.85
C GLN A 397 39.49 -1.16 -2.73
N TYR A 398 39.72 -0.12 -1.91
CA TYR A 398 40.60 -0.30 -0.76
C TYR A 398 39.97 -1.21 0.28
N ALA A 399 38.63 -1.26 0.34
CA ALA A 399 37.96 -2.15 1.27
C ALA A 399 38.20 -3.62 0.91
N GLU A 400 38.40 -3.92 -0.36
CA GLU A 400 38.79 -5.27 -0.77
C GLU A 400 40.28 -5.50 -0.65
N GLN A 401 41.04 -4.51 -0.18
CA GLN A 401 42.48 -4.62 -0.03
C GLN A 401 42.81 -4.98 1.42
N LEU A 402 42.84 -3.97 2.30
CA LEU A 402 43.02 -4.14 3.74
C LEU A 402 44.16 -5.10 4.06
N ARG A 403 43.97 -5.94 5.08
CA ARG A 403 44.86 -7.05 5.40
C ARG A 403 43.95 -8.27 5.60
N GLU A 405 43.93 -11.58 5.86
CA GLU A 405 44.04 -12.72 6.74
C GLU A 405 43.92 -12.36 8.22
N GLU A 406 43.89 -11.08 8.55
CA GLU A 406 43.74 -10.66 9.95
C GLU A 406 42.27 -10.41 10.27
N THR A 407 41.95 -10.48 11.56
CA THR A 407 40.67 -10.04 12.05
C THR A 407 40.65 -8.51 12.12
N PRO A 408 39.47 -7.89 12.13
CA PRO A 408 39.42 -6.43 12.27
C PRO A 408 40.08 -5.94 13.55
N THR A 409 39.92 -6.69 14.65
CA THR A 409 40.58 -6.34 15.90
C THR A 409 42.10 -6.33 15.72
N GLU A 410 42.65 -7.43 15.20
CA GLU A 410 44.08 -7.48 14.92
C GLU A 410 44.49 -6.38 13.95
N TYR A 411 43.68 -6.13 12.92
CA TYR A 411 44.02 -5.11 11.95
C TYR A 411 44.22 -3.76 12.63
N LEU A 412 43.26 -3.34 13.44
CA LEU A 412 43.39 -2.04 14.11
C LEU A 412 44.53 -2.04 15.13
N GLN A 413 44.64 -3.10 15.93
CA GLN A 413 45.67 -3.13 16.97
C GLN A 413 47.07 -3.10 16.39
N ARG A 414 47.32 -3.85 15.32
CA ARG A 414 48.63 -3.86 14.70
C ARG A 414 48.90 -2.61 13.88
N GLY A 415 47.86 -2.05 13.25
CA GLY A 415 48.06 -0.86 12.45
C GLY A 415 48.32 0.39 13.27
N PHE A 416 47.74 0.48 14.47
CA PHE A 416 47.82 1.72 15.22
C PHE A 416 48.24 1.53 16.68
N ASN A 417 48.73 0.35 17.05
CA ASN A 417 49.16 0.06 18.42
CA ASN A 417 49.17 0.08 18.42
C ASN A 417 48.08 0.44 19.43
N LEU A 418 46.85 0.05 19.12
CA LEU A 418 45.69 0.32 19.97
C LEU A 418 45.52 -0.78 21.01
N PRO A 419 45.20 -0.42 22.25
CA PRO A 419 44.79 -1.44 23.22
C PRO A 419 43.54 -2.14 22.74
N TYR A 420 43.36 -3.39 23.19
CA TYR A 420 42.28 -4.22 22.67
C TYR A 420 40.92 -3.56 22.87
N GLN A 421 40.69 -2.97 24.05
CA GLN A 421 39.39 -2.38 24.34
C GLN A 421 39.11 -1.19 23.43
N ASP A 422 40.14 -0.41 23.11
CA ASP A 422 39.97 0.71 22.19
C ASP A 422 39.58 0.24 20.80
N ALA A 423 40.30 -0.77 20.29
CA ALA A 423 39.96 -1.34 18.98
C ALA A 423 38.54 -1.89 18.98
N ARG A 424 38.13 -2.55 20.07
CA ARG A 424 36.79 -3.09 20.15
C ARG A 424 35.73 -1.99 20.10
N LYS A 425 35.90 -0.95 20.93
CA LYS A 425 34.93 0.13 20.93
C LYS A 425 34.88 0.85 19.59
N CYS A 426 36.04 1.01 18.94
CA CYS A 426 36.07 1.69 17.65
C CYS A 426 35.36 0.88 16.58
N LEU A 427 35.62 -0.44 16.52
CA LEU A 427 34.91 -1.28 15.56
C LEU A 427 33.42 -1.29 15.86
N GLY A 428 33.05 -1.31 17.14
CA GLY A 428 31.64 -1.38 17.49
C GLY A 428 30.88 -0.13 17.10
N ARG A 429 31.45 1.05 17.38
CA ARG A 429 30.69 2.27 17.11
C ARG A 429 30.57 2.58 15.62
N PHE A 430 31.43 2.01 14.79
CA PHE A 430 31.28 2.17 13.35
C PHE A 430 30.40 1.08 12.74
N GLY A 431 29.73 0.28 13.56
CA GLY A 431 28.68 -0.60 13.10
C GLY A 431 29.04 -2.05 12.91
N LEU A 432 30.25 -2.47 13.30
CA LEU A 432 30.66 -3.86 13.17
C LEU A 432 30.21 -4.61 14.43
N GLU A 433 29.28 -5.54 14.26
CA GLU A 433 28.77 -6.31 15.38
C GLU A 433 29.89 -7.13 16.02
N SER A 434 29.72 -7.43 17.31
CA SER A 434 30.77 -8.06 18.10
C SER A 434 31.25 -9.37 17.47
N HIS A 435 30.31 -10.21 17.02
CA HIS A 435 30.67 -11.52 16.48
C HIS A 435 31.60 -11.42 15.27
N ALA A 436 31.58 -10.29 14.56
CA ALA A 436 32.44 -10.11 13.39
C ALA A 436 33.82 -9.57 13.73
N HIS A 437 34.07 -9.20 14.99
CA HIS A 437 35.39 -8.70 15.36
C HIS A 437 36.46 -9.78 15.27
N THR A 438 36.08 -11.05 15.35
CA THR A 438 37.03 -12.15 15.38
C THR A 438 37.06 -12.95 14.09
N ILE A 439 36.33 -12.52 13.06
CA ILE A 439 36.33 -13.17 11.75
C ILE A 439 37.48 -12.61 10.93
N GLN A 440 38.10 -13.47 10.13
CA GLN A 440 39.10 -12.99 9.18
C GLN A 440 38.46 -12.02 8.20
N ILE A 441 39.18 -10.94 7.89
CA ILE A 441 38.62 -9.87 7.07
C ILE A 441 38.19 -10.37 5.71
N CYS A 442 38.87 -11.38 5.17
CA CYS A 442 38.52 -11.91 3.86
C CYS A 442 37.14 -12.58 3.86
N LYS A 443 36.63 -12.97 5.02
CA LYS A 443 35.31 -13.57 5.13
C LYS A 443 34.21 -12.55 5.41
N LEU A 444 34.55 -11.28 5.54
CA LEU A 444 33.56 -10.26 5.82
C LEU A 444 32.89 -9.79 4.53
N SER A 445 31.69 -9.24 4.69
CA SER A 445 30.95 -8.69 3.55
C SER A 445 31.49 -7.30 3.20
N GLY A 446 31.01 -6.78 2.07
CA GLY A 446 31.46 -5.47 1.62
C GLY A 446 31.12 -4.37 2.60
N GLY A 447 29.93 -4.42 3.19
CA GLY A 447 29.57 -3.43 4.19
C GLY A 447 30.43 -3.52 5.44
N GLN A 448 30.71 -4.74 5.89
CA GLN A 448 31.56 -4.92 7.06
C GLN A 448 32.97 -4.41 6.78
N LYS A 449 33.50 -4.68 5.58
CA LYS A 449 34.81 -4.17 5.21
C LYS A 449 34.82 -2.64 5.17
N ALA A 450 33.74 -2.05 4.63
CA ALA A 450 33.65 -0.59 4.60
C ALA A 450 33.65 -0.02 6.01
N ARG A 451 32.96 -0.68 6.94
CA ARG A 451 32.96 -0.20 8.31
C ARG A 451 34.35 -0.32 8.95
N VAL A 452 35.07 -1.40 8.64
CA VAL A 452 36.45 -1.51 9.12
C VAL A 452 37.30 -0.36 8.57
N VAL A 453 37.07 0.01 7.31
CA VAL A 453 37.85 1.10 6.73
C VAL A 453 37.53 2.43 7.41
N PHE A 454 36.26 2.67 7.72
CA PHE A 454 35.90 3.90 8.44
C PHE A 454 36.55 3.92 9.83
N ALA A 455 36.55 2.78 10.51
CA ALA A 455 37.25 2.69 11.79
C ALA A 455 38.73 3.01 11.65
N GLU A 456 39.37 2.46 10.61
CA GLU A 456 40.77 2.76 10.35
C GLU A 456 40.99 4.25 10.13
N LEU A 457 40.10 4.88 9.35
CA LEU A 457 40.20 6.32 9.13
C LEU A 457 40.13 7.09 10.45
N ALA A 458 39.23 6.67 11.34
CA ALA A 458 39.18 7.28 12.66
C ALA A 458 40.51 7.11 13.40
N CYS A 459 41.12 5.93 13.30
CA CYS A 459 42.37 5.69 14.01
C CYS A 459 43.53 6.47 13.40
N ARG A 460 43.46 6.81 12.12
CA ARG A 460 44.54 7.55 11.48
C ARG A 460 44.63 9.00 11.95
N GLU A 461 43.61 9.48 12.68
CA GLU A 461 43.54 10.86 13.14
C GLU A 461 43.80 11.85 11.99
N PRO A 462 42.96 11.85 10.97
CA PRO A 462 43.28 12.61 9.75
C PRO A 462 42.95 14.09 9.91
N ASP A 463 43.60 14.88 9.07
CA ASP A 463 43.25 16.28 8.90
C ASP A 463 42.27 16.49 7.76
N VAL A 464 42.25 15.58 6.78
CA VAL A 464 41.37 15.66 5.61
C VAL A 464 40.76 14.28 5.38
N LEU A 465 39.43 14.23 5.28
CA LEU A 465 38.69 13.03 4.90
C LEU A 465 38.39 13.13 3.41
N ILE A 466 38.74 12.09 2.65
CA ILE A 466 38.49 12.04 1.21
C ILE A 466 37.72 10.75 0.95
N LEU A 467 36.43 10.88 0.69
CA LEU A 467 35.49 9.76 0.67
C LEU A 467 34.89 9.60 -0.71
N ASP A 468 35.25 8.52 -1.41
CA ASP A 468 34.69 8.19 -2.71
C ASP A 468 33.55 7.20 -2.52
N GLU A 469 32.32 7.68 -2.72
CA GLU A 469 31.12 6.87 -2.57
C GLU A 469 31.05 6.17 -1.21
N PRO A 470 31.02 6.92 -0.10
CA PRO A 470 31.07 6.28 1.21
C PRO A 470 29.79 5.55 1.60
N THR A 471 28.65 5.87 0.99
CA THR A 471 27.37 5.33 1.42
C THR A 471 26.97 4.03 0.73
N ASN A 472 27.74 3.58 -0.26
CA ASN A 472 27.30 2.48 -1.11
C ASN A 472 26.95 1.23 -0.31
N ASN A 473 27.75 0.93 0.73
CA ASN A 473 27.58 -0.30 1.50
C ASN A 473 27.19 -0.02 2.95
N LEU A 474 26.62 1.15 3.22
CA LEU A 474 26.14 1.50 4.55
C LEU A 474 24.62 1.47 4.59
N ASP A 475 24.08 1.30 5.79
CA ASP A 475 22.65 1.47 6.01
C ASP A 475 22.37 2.92 6.36
N ILE A 476 21.07 3.26 6.40
CA ILE A 476 20.67 4.65 6.55
C ILE A 476 21.11 5.20 7.90
N GLU A 477 21.05 4.37 8.96
CA GLU A 477 21.46 4.85 10.27
C GLU A 477 22.93 5.21 10.29
N SER A 478 23.77 4.40 9.62
CA SER A 478 25.20 4.73 9.57
C SER A 478 25.47 5.92 8.66
N ILE A 479 24.65 6.13 7.63
CA ILE A 479 24.83 7.32 6.79
C ILE A 479 24.46 8.57 7.58
N ASP A 480 23.41 8.49 8.39
CA ASP A 480 23.07 9.60 9.29
C ASP A 480 24.19 9.86 10.29
N ALA A 481 24.75 8.78 10.86
CA ALA A 481 25.87 8.95 11.78
C ALA A 481 27.07 9.58 11.09
N LEU A 482 27.33 9.19 9.83
CA LEU A 482 28.42 9.78 9.07
C LEU A 482 28.19 11.27 8.83
N GLY A 483 26.95 11.64 8.51
CA GLY A 483 26.65 13.05 8.34
C GLY A 483 26.85 13.85 9.62
N GLU A 484 26.36 13.32 10.74
CA GLU A 484 26.57 14.01 12.02
C GLU A 484 28.05 14.13 12.33
N ALA A 485 28.83 13.08 12.05
CA ALA A 485 30.26 13.11 12.32
C ALA A 485 30.97 14.15 11.44
N ILE A 486 30.58 14.23 10.16
CA ILE A 486 31.16 15.25 9.28
C ILE A 486 30.81 16.64 9.78
N ASN A 487 29.61 16.81 10.34
CA ASN A 487 29.23 18.12 10.85
C ASN A 487 29.99 18.48 12.13
N GLU A 488 30.38 17.47 12.92
CA GLU A 488 31.18 17.76 14.11
C GLU A 488 32.67 17.84 13.81
N TYR A 489 33.12 17.25 12.71
CA TYR A 489 34.54 17.13 12.40
C TYR A 489 35.15 18.50 12.12
N LYS A 490 36.31 18.77 12.72
CA LYS A 490 37.00 20.05 12.57
C LYS A 490 38.10 20.02 11.52
N GLY A 491 38.16 18.97 10.71
CA GLY A 491 39.02 18.92 9.54
C GLY A 491 38.24 19.18 8.27
N ALA A 492 38.92 18.94 7.15
CA ALA A 492 38.32 19.13 5.83
C ALA A 492 37.71 17.82 5.33
N VAL A 493 36.70 17.93 4.48
CA VAL A 493 36.05 16.76 3.89
C VAL A 493 35.82 17.01 2.40
N ILE A 494 36.28 16.07 1.58
CA ILE A 494 36.04 16.03 0.15
C ILE A 494 35.35 14.71 -0.15
N VAL A 495 34.16 14.77 -0.75
CA VAL A 495 33.32 13.59 -0.92
C VAL A 495 32.81 13.53 -2.35
N VAL A 496 32.74 12.31 -2.89
CA VAL A 496 31.97 11.99 -4.08
C VAL A 496 30.81 11.11 -3.62
N SER A 497 29.59 11.57 -3.83
CA SER A 497 28.43 10.83 -3.33
C SER A 497 27.20 11.14 -4.17
N HIS A 498 26.31 10.16 -4.26
CA HIS A 498 24.99 10.33 -4.85
C HIS A 498 23.91 10.49 -3.80
N ASP A 499 24.27 10.51 -2.51
CA ASP A 499 23.32 10.59 -1.42
C ASP A 499 23.00 12.06 -1.17
N ALA A 500 21.85 12.51 -1.68
CA ALA A 500 21.48 13.91 -1.58
C ALA A 500 21.36 14.36 -0.13
N ARG A 501 20.79 13.52 0.73
CA ARG A 501 20.64 13.91 2.13
C ARG A 501 21.99 14.13 2.79
N LEU A 502 22.97 13.26 2.50
CA LEU A 502 24.30 13.43 3.07
C LEU A 502 24.95 14.71 2.56
N ILE A 503 24.89 14.94 1.25
CA ILE A 503 25.51 16.12 0.67
C ILE A 503 24.87 17.39 1.21
N THR A 504 23.56 17.34 1.47
CA THR A 504 22.84 18.53 1.90
C THR A 504 23.07 18.83 3.38
N GLU A 505 22.93 17.81 4.24
CA GLU A 505 23.06 18.03 5.68
C GLU A 505 24.47 18.40 6.08
N THR A 506 25.48 18.03 5.29
CA THR A 506 26.86 18.43 5.57
C THR A 506 27.23 19.75 4.92
N ASN A 507 26.27 20.43 4.27
CA ASN A 507 26.46 21.77 3.73
C ASN A 507 27.60 21.81 2.71
N CYS A 508 27.70 20.76 1.90
CA CYS A 508 28.79 20.66 0.95
C CYS A 508 28.67 21.71 -0.16
N GLN A 509 29.78 22.37 -0.45
CA GLN A 509 29.94 23.16 -1.65
C GLN A 509 30.20 22.24 -2.83
N LEU A 510 29.44 22.42 -3.91
CA LEU A 510 29.51 21.50 -5.03
C LEU A 510 30.50 22.00 -6.07
N TRP A 511 31.33 21.07 -6.57
CA TRP A 511 32.30 21.35 -7.61
C TRP A 511 32.14 20.29 -8.69
N VAL A 512 31.85 20.72 -9.92
CA VAL A 512 31.55 19.82 -11.02
C VAL A 512 32.81 19.60 -11.85
N VAL A 513 33.07 18.35 -12.20
CA VAL A 513 34.16 18.04 -13.12
C VAL A 513 33.66 18.27 -14.55
N GLU A 514 34.35 19.14 -15.28
CA GLU A 514 33.94 19.52 -16.63
C GLU A 514 35.06 20.33 -17.26
N GLU A 515 35.09 20.32 -18.59
CA GLU A 515 36.07 21.08 -19.37
C GLU A 515 37.51 20.71 -18.99
N GLN A 516 37.73 19.44 -18.65
CA GLN A 516 39.04 18.96 -18.20
C GLN A 516 39.53 19.78 -17.00
N SER A 517 38.61 20.14 -16.12
CA SER A 517 38.89 20.99 -14.97
C SER A 517 37.76 20.80 -13.96
N VAL A 518 37.77 21.64 -12.92
CA VAL A 518 36.76 21.60 -11.87
C VAL A 518 36.18 23.01 -11.73
N SER A 519 34.85 23.10 -11.65
CA SER A 519 34.16 24.38 -11.63
C SER A 519 33.24 24.45 -10.41
N GLN A 520 33.28 25.58 -9.71
CA GLN A 520 32.51 25.75 -8.50
C GLN A 520 31.07 26.13 -8.82
N ILE A 521 30.12 25.50 -8.12
CA ILE A 521 28.71 25.87 -8.18
C ILE A 521 28.45 26.80 -7.01
N ASP A 522 28.47 28.11 -7.25
CA ASP A 522 28.13 29.06 -6.20
C ASP A 522 26.63 29.05 -6.00
N GLY A 523 26.20 28.48 -4.88
CA GLY A 523 24.82 28.11 -4.65
C GLY A 523 24.77 26.84 -3.82
N ASP A 524 23.56 26.51 -3.37
CA ASP A 524 23.39 25.33 -2.54
C ASP A 524 22.98 24.14 -3.41
N PHE A 525 22.69 23.02 -2.74
CA PHE A 525 22.38 21.79 -3.47
C PHE A 525 21.12 21.93 -4.32
N GLU A 526 20.14 22.72 -3.86
CA GLU A 526 18.92 22.89 -4.62
C GLU A 526 19.17 23.69 -5.89
N ASP A 527 20.10 24.65 -5.82
CA ASP A 527 20.50 25.38 -7.02
C ASP A 527 21.11 24.43 -8.05
N TYR A 528 22.00 23.53 -7.61
CA TYR A 528 22.60 22.57 -8.53
C TYR A 528 21.55 21.61 -9.07
N LYS A 529 20.57 21.24 -8.25
CA LYS A 529 19.51 20.35 -8.72
C LYS A 529 18.67 21.01 -9.80
N ARG A 530 18.28 22.26 -9.58
CA ARG A 530 17.57 23.01 -10.60
C ARG A 530 18.43 23.19 -11.86
N GLU A 531 19.73 23.36 -11.68
CA GLU A 531 20.63 23.52 -12.83
C GLU A 531 20.69 22.25 -13.66
N VAL A 532 20.84 21.10 -13.00
CA VAL A 532 20.86 19.81 -13.70
C VAL A 532 19.56 19.60 -14.47
N LEU A 533 18.42 19.89 -13.83
CA LEU A 533 17.16 19.68 -14.52
C LEU A 533 16.91 20.71 -15.61
N GLU A 534 17.47 21.92 -15.47
CA GLU A 534 17.30 22.93 -16.49
C GLU A 534 18.15 22.62 -17.72
N ALA A 535 19.29 21.96 -17.53
CA ALA A 535 20.08 21.53 -18.68
C ALA A 535 19.38 20.44 -19.49
N LEU A 536 18.43 19.72 -18.90
CA LEU A 536 17.73 18.64 -19.57
C LEU A 536 16.34 19.05 -20.06
N GLY A 537 15.93 20.29 -19.84
CA GLY A 537 14.58 20.69 -20.17
C GLY A 537 13.53 20.04 -19.29
N GLU A 538 13.87 19.73 -18.04
CA GLU A 538 12.96 19.14 -17.09
C GLU A 538 12.47 20.19 -16.11
N VAL A 539 11.21 20.05 -15.69
CA VAL A 539 10.62 20.95 -14.72
C VAL A 539 10.80 20.34 -13.32
N VAL A 541 10.04 19.56 -9.69
CA VAL A 541 8.79 19.49 -8.94
C VAL A 541 8.95 20.17 -7.59
N ALA B 2 -37.07 -33.75 3.57
CA ALA B 2 -35.74 -34.10 3.06
C ALA B 2 -35.09 -32.90 2.39
N SER B 3 -35.91 -31.96 1.91
CA SER B 3 -35.40 -30.75 1.29
C SER B 3 -35.09 -29.64 2.29
N ASP B 4 -35.54 -29.77 3.54
CA ASP B 4 -35.24 -28.79 4.57
C ASP B 4 -33.99 -29.19 5.34
N ILE B 5 -33.32 -28.19 5.91
CA ILE B 5 -32.14 -28.41 6.75
C ILE B 5 -32.55 -28.26 8.20
N LYS B 6 -32.29 -29.30 9.00
CA LYS B 6 -32.61 -29.33 10.42
C LYS B 6 -31.38 -29.85 11.17
N LEU B 7 -30.41 -28.97 11.37
CA LEU B 7 -29.15 -29.31 12.02
C LEU B 7 -29.19 -28.80 13.46
N GLU B 8 -29.52 -29.68 14.39
CA GLU B 8 -29.72 -29.27 15.77
C GLU B 8 -28.50 -29.59 16.63
N LYS B 9 -28.19 -28.66 17.54
CA LYS B 9 -27.14 -28.79 18.55
C LYS B 9 -25.76 -28.93 17.90
N PHE B 10 -25.30 -27.81 17.33
CA PHE B 10 -23.96 -27.74 16.78
C PHE B 10 -23.15 -26.64 17.47
N SER B 11 -21.85 -26.87 17.56
CA SER B 11 -20.92 -25.93 18.17
C SER B 11 -19.72 -25.75 17.25
N ILE B 12 -19.25 -24.51 17.15
CA ILE B 12 -18.09 -24.16 16.34
C ILE B 12 -17.18 -23.27 17.16
N SER B 13 -15.89 -23.62 17.18
CA SER B 13 -14.84 -22.80 17.79
C SER B 13 -13.76 -22.59 16.75
N ALA B 14 -13.43 -21.32 16.48
CA ALA B 14 -12.42 -20.99 15.48
C ALA B 14 -11.57 -19.83 15.99
N HIS B 15 -10.26 -19.92 15.72
CA HIS B 15 -9.31 -18.85 16.07
C HIS B 15 -9.37 -18.52 17.55
N GLY B 16 -9.49 -19.55 18.37
CA GLY B 16 -9.49 -19.36 19.82
C GLY B 16 -10.69 -18.62 20.37
N LYS B 17 -11.84 -18.75 19.71
CA LYS B 17 -13.07 -18.15 20.21
C LYS B 17 -14.21 -19.14 20.06
N GLU B 18 -15.14 -19.10 21.01
CA GLU B 18 -16.28 -20.02 21.00
C GLU B 18 -17.43 -19.33 20.28
N LEU B 19 -17.57 -19.64 18.99
CA LEU B 19 -18.51 -18.93 18.13
C LEU B 19 -19.93 -19.46 18.29
N PHE B 20 -20.10 -20.78 18.27
CA PHE B 20 -21.41 -21.39 18.42
C PHE B 20 -21.34 -22.48 19.47
N VAL B 21 -22.36 -22.55 20.32
CA VAL B 21 -22.47 -23.62 21.31
C VAL B 21 -23.95 -23.98 21.45
N ASN B 22 -24.27 -25.26 21.22
CA ASN B 22 -25.64 -25.76 21.27
C ASN B 22 -26.56 -24.96 20.34
N ALA B 23 -26.06 -24.64 19.15
CA ALA B 23 -26.81 -23.86 18.19
C ALA B 23 -27.66 -24.77 17.30
N ASP B 24 -28.70 -24.19 16.73
CA ASP B 24 -29.61 -24.89 15.83
C ASP B 24 -29.67 -24.16 14.49
N LEU B 25 -29.70 -24.94 13.41
CA LEU B 25 -29.73 -24.45 12.04
C LEU B 25 -31.01 -24.98 11.40
N TYR B 26 -32.01 -24.12 11.29
CA TYR B 26 -33.28 -24.45 10.64
C TYR B 26 -33.38 -23.65 9.35
N ILE B 27 -33.38 -24.35 8.22
CA ILE B 27 -33.48 -23.72 6.91
C ILE B 27 -34.61 -24.41 6.16
N VAL B 28 -35.77 -23.76 6.10
CA VAL B 28 -36.91 -24.31 5.38
C VAL B 28 -36.78 -23.94 3.90
N ALA B 29 -36.97 -24.93 3.03
CA ALA B 29 -36.78 -24.72 1.59
C ALA B 29 -37.76 -23.67 1.07
N GLY B 30 -37.27 -22.80 0.20
CA GLY B 30 -38.08 -21.78 -0.42
C GLY B 30 -38.14 -20.47 0.33
N ARG B 31 -37.68 -20.42 1.58
CA ARG B 31 -37.67 -19.20 2.35
C ARG B 31 -36.41 -18.38 2.05
N ARG B 32 -36.46 -17.11 2.44
CA ARG B 32 -35.34 -16.20 2.29
C ARG B 32 -34.92 -15.72 3.67
N TYR B 33 -33.78 -16.21 4.13
CA TYR B 33 -33.28 -15.97 5.48
C TYR B 33 -32.23 -14.86 5.46
N GLY B 34 -32.35 -13.95 6.42
CA GLY B 34 -31.32 -12.94 6.64
C GLY B 34 -30.62 -13.17 7.96
N LEU B 35 -29.33 -13.43 7.92
CA LEU B 35 -28.54 -13.71 9.11
C LEU B 35 -27.90 -12.40 9.58
N VAL B 36 -28.34 -11.90 10.74
CA VAL B 36 -27.86 -10.65 11.30
C VAL B 36 -27.17 -10.94 12.63
N GLY B 37 -26.16 -10.14 12.94
CA GLY B 37 -25.40 -10.28 14.15
C GLY B 37 -24.18 -9.38 14.12
N PRO B 38 -23.65 -9.04 15.30
CA PRO B 38 -22.48 -8.16 15.37
C PRO B 38 -21.29 -8.75 14.64
N ASN B 39 -20.31 -7.90 14.36
CA ASN B 39 -19.13 -8.33 13.65
C ASN B 39 -18.29 -9.26 14.52
N GLY B 40 -17.61 -10.20 13.86
CA GLY B 40 -16.73 -11.10 14.56
C GLY B 40 -17.41 -12.15 15.40
N LYS B 41 -18.69 -12.41 15.17
CA LYS B 41 -19.42 -13.40 15.94
C LYS B 41 -19.48 -14.76 15.25
N GLY B 42 -19.02 -14.87 14.02
CA GLY B 42 -18.92 -16.13 13.32
C GLY B 42 -19.88 -16.36 12.18
N LYS B 43 -20.44 -15.31 11.58
CA LYS B 43 -21.37 -15.48 10.47
C LYS B 43 -20.68 -16.10 9.26
N THR B 44 -19.57 -15.49 8.83
CA THR B 44 -18.79 -16.04 7.72
C THR B 44 -18.32 -17.46 8.03
N THR B 45 -17.90 -17.71 9.26
CA THR B 45 -17.45 -19.06 9.63
C THR B 45 -18.58 -20.07 9.49
N LEU B 46 -19.80 -19.70 9.89
CA LEU B 46 -20.94 -20.59 9.73
C LEU B 46 -21.20 -20.90 8.28
N LEU B 47 -21.23 -19.86 7.43
CA LEU B 47 -21.46 -20.10 6.00
C LEU B 47 -20.38 -21.00 5.40
N LYS B 48 -19.12 -20.78 5.80
CA LYS B 48 -18.03 -21.60 5.27
C LYS B 48 -18.14 -23.05 5.74
N HIS B 49 -18.54 -23.25 7.00
CA HIS B 49 -18.72 -24.61 7.50
C HIS B 49 -19.86 -25.32 6.80
N ILE B 50 -20.91 -24.59 6.40
CA ILE B 50 -21.99 -25.20 5.65
C ILE B 50 -21.51 -25.57 4.25
N ALA B 51 -20.82 -24.65 3.57
CA ALA B 51 -20.40 -24.91 2.20
C ALA B 51 -19.35 -26.01 2.12
N ASN B 52 -18.48 -26.12 3.11
CA ASN B 52 -17.42 -27.12 3.11
C ASN B 52 -17.86 -28.45 3.70
N ARG B 53 -19.16 -28.62 3.96
CA ARG B 53 -19.71 -29.83 4.57
C ARG B 53 -19.07 -30.13 5.93
N ALA B 54 -18.55 -29.10 6.60
CA ALA B 54 -18.11 -29.26 7.97
C ALA B 54 -19.30 -29.56 8.88
N LEU B 55 -20.43 -28.90 8.60
CA LEU B 55 -21.71 -29.30 9.15
C LEU B 55 -22.41 -30.22 8.15
N SER B 56 -23.04 -31.28 8.67
CA SER B 56 -23.60 -32.33 7.82
C SER B 56 -24.91 -31.85 7.21
N ILE B 57 -24.84 -31.39 5.96
CA ILE B 57 -26.02 -30.98 5.21
C ILE B 57 -26.44 -32.17 4.35
N PRO B 58 -27.74 -32.46 4.23
CA PRO B 58 -28.18 -33.61 3.40
C PRO B 58 -27.62 -33.53 1.99
N PRO B 59 -27.12 -34.64 1.46
CA PRO B 59 -26.39 -34.58 0.19
C PRO B 59 -27.25 -34.22 -1.01
N ASN B 60 -28.57 -34.44 -0.95
CA ASN B 60 -29.42 -34.12 -2.09
C ASN B 60 -29.56 -32.62 -2.30
N ILE B 61 -29.28 -31.81 -1.28
CA ILE B 61 -29.39 -30.36 -1.37
C ILE B 61 -28.10 -29.81 -1.95
N ASP B 62 -28.20 -29.10 -3.07
CA ASP B 62 -27.04 -28.46 -3.68
C ASP B 62 -26.91 -27.05 -3.11
N VAL B 63 -25.84 -26.83 -2.35
CA VAL B 63 -25.58 -25.58 -1.65
C VAL B 63 -24.48 -24.84 -2.40
N LEU B 64 -24.66 -23.53 -2.58
CA LEU B 64 -23.62 -22.70 -3.20
C LEU B 64 -23.39 -21.46 -2.36
N LEU B 65 -22.17 -21.29 -1.87
CA LEU B 65 -21.75 -20.07 -1.19
C LEU B 65 -20.94 -19.23 -2.17
N CYS B 66 -21.39 -17.99 -2.41
CA CYS B 66 -20.66 -17.11 -3.30
C CYS B 66 -19.52 -16.46 -2.52
N GLU B 67 -18.28 -16.88 -2.77
CA GLU B 67 -17.15 -16.40 -1.97
C GLU B 67 -15.87 -16.12 -2.74
N GLN B 68 -15.64 -16.70 -3.92
CA GLN B 68 -14.36 -16.60 -4.60
C GLN B 68 -14.53 -16.04 -6.01
N GLU B 69 -13.54 -15.27 -6.46
CA GLU B 69 -13.62 -14.58 -7.74
C GLU B 69 -13.50 -15.56 -8.90
N VAL B 70 -14.00 -15.11 -10.06
CA VAL B 70 -13.87 -15.88 -11.30
C VAL B 70 -12.39 -16.03 -11.65
N VAL B 71 -12.05 -17.14 -12.30
CA VAL B 71 -10.69 -17.34 -12.77
C VAL B 71 -10.40 -16.36 -13.90
N ALA B 72 -9.20 -15.78 -13.89
CA ALA B 72 -8.80 -14.81 -14.90
C ALA B 72 -8.17 -15.54 -16.06
N ASP B 73 -8.83 -15.53 -17.21
CA ASP B 73 -8.28 -16.09 -18.43
C ASP B 73 -8.96 -15.42 -19.62
N GLU B 74 -8.97 -16.09 -20.77
CA GLU B 74 -9.49 -15.53 -22.01
C GLU B 74 -11.00 -15.62 -22.11
N THR B 75 -11.68 -16.20 -21.13
CA THR B 75 -13.13 -16.36 -21.20
C THR B 75 -13.82 -15.01 -21.03
N PRO B 76 -14.71 -14.62 -21.94
CA PRO B 76 -15.50 -13.41 -21.72
C PRO B 76 -16.37 -13.57 -20.47
N ALA B 77 -16.71 -12.44 -19.86
CA ALA B 77 -17.47 -12.46 -18.62
C ALA B 77 -18.81 -13.14 -18.79
N VAL B 78 -19.51 -12.85 -19.90
CA VAL B 78 -20.81 -13.46 -20.14
C VAL B 78 -20.68 -14.96 -20.28
N GLN B 79 -19.57 -15.45 -20.86
CA GLN B 79 -19.37 -16.88 -20.95
C GLN B 79 -18.99 -17.50 -19.61
N ALA B 80 -18.28 -16.75 -18.77
CA ALA B 80 -18.01 -17.23 -17.42
C ALA B 80 -19.28 -17.35 -16.60
N VAL B 81 -20.29 -16.53 -16.92
CA VAL B 81 -21.58 -16.66 -16.24
C VAL B 81 -22.41 -17.77 -16.89
N LEU B 82 -22.36 -17.88 -18.21
CA LEU B 82 -23.23 -18.80 -18.94
C LEU B 82 -22.77 -20.25 -18.77
N ARG B 83 -21.51 -20.54 -19.12
CA ARG B 83 -20.98 -21.90 -19.15
C ARG B 83 -21.88 -22.81 -19.99
N ALA B 84 -22.12 -22.39 -21.23
CA ALA B 84 -23.13 -23.04 -22.06
C ALA B 84 -22.74 -24.47 -22.41
N ASP B 85 -21.45 -24.73 -22.65
CA ASP B 85 -21.02 -26.08 -22.99
C ASP B 85 -21.21 -27.03 -21.81
N THR B 86 -20.73 -26.63 -20.63
CA THR B 86 -20.91 -27.44 -19.43
C THR B 86 -22.40 -27.61 -19.11
N LYS B 87 -23.18 -26.53 -19.27
CA LYS B 87 -24.62 -26.63 -19.01
C LYS B 87 -25.28 -27.61 -19.96
N ARG B 88 -24.87 -27.62 -21.22
CA ARG B 88 -25.45 -28.57 -22.18
C ARG B 88 -25.08 -30.00 -21.81
N LEU B 89 -23.84 -30.24 -21.37
CA LEU B 89 -23.47 -31.58 -20.91
C LEU B 89 -24.35 -32.02 -19.74
N LYS B 90 -24.53 -31.13 -18.76
CA LYS B 90 -25.36 -31.48 -17.61
C LYS B 90 -26.81 -31.74 -18.03
N LEU B 91 -27.33 -30.93 -18.97
CA LEU B 91 -28.69 -31.13 -19.42
C LEU B 91 -28.85 -32.44 -20.17
N LEU B 92 -27.85 -32.85 -20.94
CA LEU B 92 -27.94 -34.11 -21.66
C LEU B 92 -27.91 -35.29 -20.70
N GLU B 93 -27.05 -35.22 -19.69
CA GLU B 93 -27.00 -36.25 -18.66
C GLU B 93 -28.36 -36.35 -17.94
N GLU B 94 -28.91 -35.19 -17.53
CA GLU B 94 -30.22 -35.17 -16.88
C GLU B 94 -31.32 -35.70 -17.79
N GLU B 95 -31.23 -35.41 -19.09
CA GLU B 95 -32.20 -35.93 -20.05
C GLU B 95 -32.15 -37.44 -20.12
N ARG B 96 -30.95 -38.02 -20.14
CA ARG B 96 -30.84 -39.48 -20.12
C ARG B 96 -31.55 -40.06 -18.89
N ARG B 97 -31.25 -39.51 -17.70
CA ARG B 97 -31.84 -40.08 -16.49
C ARG B 97 -33.36 -39.92 -16.48
N LEU B 98 -33.87 -38.75 -16.86
CA LEU B 98 -35.31 -38.52 -16.82
C LEU B 98 -36.04 -39.33 -17.87
N GLN B 99 -35.43 -39.52 -19.04
CA GLN B 99 -36.05 -40.37 -20.06
C GLN B 99 -36.11 -41.82 -19.60
N GLY B 100 -35.07 -42.30 -18.92
CA GLY B 100 -35.14 -43.63 -18.32
C GLY B 100 -36.28 -43.74 -17.32
N GLN B 101 -36.38 -42.77 -16.41
CA GLN B 101 -37.45 -42.80 -15.41
C GLN B 101 -38.83 -42.78 -16.07
N LEU B 102 -39.01 -41.93 -17.09
CA LEU B 102 -40.29 -41.87 -17.78
C LEU B 102 -40.62 -43.19 -18.48
N GLU B 103 -39.62 -43.82 -19.09
CA GLU B 103 -39.84 -45.11 -19.72
C GLU B 103 -40.27 -46.16 -18.70
N GLN B 104 -39.72 -46.09 -17.48
CA GLN B 104 -40.07 -47.09 -16.48
C GLN B 104 -41.43 -46.85 -15.84
N GLY B 105 -42.07 -45.71 -16.06
CA GLY B 105 -43.37 -45.41 -15.49
C GLY B 105 -43.40 -44.37 -14.40
N ASP B 106 -42.31 -43.61 -14.23
CA ASP B 106 -42.26 -42.54 -13.24
C ASP B 106 -43.09 -41.36 -13.73
N ASP B 107 -44.24 -41.12 -13.11
CA ASP B 107 -45.12 -40.03 -13.50
C ASP B 107 -44.66 -38.68 -12.95
N THR B 108 -43.45 -38.61 -12.38
CA THR B 108 -42.92 -37.37 -11.84
C THR B 108 -41.86 -36.73 -12.72
N ALA B 109 -41.22 -37.50 -13.60
CA ALA B 109 -40.09 -37.00 -14.37
C ALA B 109 -40.50 -36.07 -15.51
N ALA B 110 -41.78 -36.09 -15.90
CA ALA B 110 -42.20 -35.33 -17.08
C ALA B 110 -42.08 -33.84 -16.87
N GLU B 111 -42.37 -33.35 -15.66
CA GLU B 111 -42.41 -31.91 -15.46
C GLU B 111 -41.00 -31.30 -15.54
N ARG B 112 -40.00 -31.99 -14.99
CA ARG B 112 -38.62 -31.51 -15.13
C ARG B 112 -38.09 -31.76 -16.54
N LEU B 113 -38.51 -32.88 -17.15
CA LEU B 113 -38.07 -33.18 -18.51
C LEU B 113 -38.56 -32.14 -19.50
N GLU B 114 -39.73 -31.55 -19.25
CA GLU B 114 -40.21 -30.46 -20.08
C GLU B 114 -39.22 -29.31 -20.10
N LYS B 115 -38.78 -28.87 -18.92
CA LYS B 115 -37.81 -27.77 -18.84
C LYS B 115 -36.48 -28.16 -19.44
N VAL B 116 -36.06 -29.43 -19.28
CA VAL B 116 -34.81 -29.88 -19.87
C VAL B 116 -34.88 -29.78 -21.40
N TYR B 117 -35.99 -30.25 -21.97
CA TYR B 117 -36.20 -30.11 -23.41
C TYR B 117 -36.15 -28.65 -23.83
N GLU B 118 -36.83 -27.78 -23.09
CA GLU B 118 -36.85 -26.35 -23.45
C GLU B 118 -35.45 -25.77 -23.43
N GLU B 119 -34.65 -26.09 -22.40
CA GLU B 119 -33.32 -25.50 -22.28
C GLU B 119 -32.33 -26.08 -23.28
N LEU B 120 -32.56 -27.30 -23.79
CA LEU B 120 -31.63 -27.86 -24.75
C LEU B 120 -31.78 -27.29 -26.16
N ARG B 121 -32.90 -26.65 -26.47
CA ARG B 121 -33.08 -26.08 -27.80
C ARG B 121 -32.26 -24.81 -27.97
N ALA B 122 -32.14 -24.37 -29.23
CA ALA B 122 -31.44 -23.13 -29.51
C ALA B 122 -32.14 -21.94 -28.86
N THR B 123 -33.47 -21.98 -28.80
CA THR B 123 -34.22 -20.91 -28.13
C THR B 123 -33.93 -20.88 -26.64
N GLY B 124 -33.80 -22.05 -26.02
CA GLY B 124 -33.44 -22.10 -24.60
C GLY B 124 -32.06 -21.55 -24.34
N ALA B 125 -31.09 -21.86 -25.22
CA ALA B 125 -29.76 -21.30 -25.08
C ALA B 125 -29.78 -19.78 -25.25
N ALA B 126 -30.58 -19.28 -26.20
CA ALA B 126 -30.72 -17.83 -26.35
C ALA B 126 -31.30 -17.20 -25.08
N ALA B 127 -32.31 -17.85 -24.49
CA ALA B 127 -32.87 -17.34 -23.24
C ALA B 127 -31.83 -17.33 -22.13
N ALA B 128 -31.00 -18.36 -22.06
CA ALA B 128 -29.95 -18.41 -21.04
C ALA B 128 -28.96 -17.27 -21.22
N GLU B 129 -28.52 -17.02 -22.46
CA GLU B 129 -27.59 -15.92 -22.69
C GLU B 129 -28.23 -14.58 -22.35
N ALA B 130 -29.51 -14.42 -22.69
CA ALA B 130 -30.21 -13.18 -22.35
C ALA B 130 -30.26 -12.97 -20.84
N LYS B 131 -30.51 -14.05 -20.09
CA LYS B 131 -30.55 -13.94 -18.63
C LYS B 131 -29.17 -13.58 -18.06
N ALA B 132 -28.12 -14.21 -18.59
CA ALA B 132 -26.77 -13.91 -18.12
C ALA B 132 -26.43 -12.44 -18.37
N ARG B 133 -26.76 -11.94 -19.56
CA ARG B 133 -26.48 -10.53 -19.86
C ARG B 133 -27.33 -9.60 -19.02
N ARG B 134 -28.58 -9.98 -18.74
CA ARG B 134 -29.42 -9.19 -17.84
C ARG B 134 -28.79 -9.09 -16.45
N ILE B 135 -28.30 -10.20 -15.93
CA ILE B 135 -27.69 -10.20 -14.60
C ILE B 135 -26.42 -9.37 -14.59
N LEU B 136 -25.58 -9.50 -15.62
CA LEU B 136 -24.36 -8.71 -15.68
C LEU B 136 -24.65 -7.23 -15.80
N ALA B 137 -25.65 -6.86 -16.61
CA ALA B 137 -26.03 -5.46 -16.75
C ALA B 137 -26.53 -4.90 -15.43
N GLY B 138 -27.36 -5.66 -14.72
CA GLY B 138 -27.83 -5.21 -13.41
C GLY B 138 -26.69 -4.96 -12.43
N LEU B 139 -25.59 -5.69 -12.57
CA LEU B 139 -24.43 -5.55 -11.71
C LEU B 139 -23.41 -4.55 -12.24
N GLY B 140 -23.74 -3.85 -13.32
CA GLY B 140 -22.89 -2.78 -13.82
C GLY B 140 -22.01 -3.11 -15.00
N PHE B 141 -22.30 -4.18 -15.74
CA PHE B 141 -21.53 -4.56 -16.91
C PHE B 141 -22.23 -4.03 -18.16
N ASP B 142 -21.61 -3.06 -18.83
CA ASP B 142 -22.10 -2.62 -20.12
C ASP B 142 -21.75 -3.69 -21.16
N PRO B 143 -22.30 -3.62 -22.38
CA PRO B 143 -22.00 -4.66 -23.38
C PRO B 143 -20.53 -4.94 -23.59
N GLU B 144 -19.68 -3.91 -23.55
CA GLU B 144 -18.24 -4.14 -23.73
C GLU B 144 -17.68 -5.00 -22.60
N GLN B 146 -19.34 -7.06 -20.71
CA GLN B 146 -19.92 -8.41 -20.77
C GLN B 146 -19.11 -9.32 -21.66
N ASN B 147 -18.52 -8.79 -22.72
CA ASN B 147 -17.72 -9.57 -23.65
C ASN B 147 -16.22 -9.44 -23.41
N ARG B 148 -15.82 -8.72 -22.37
CA ARG B 148 -14.40 -8.57 -22.06
C ARG B 148 -13.88 -9.83 -21.37
N PRO B 149 -12.71 -10.33 -21.76
CA PRO B 149 -12.16 -11.51 -21.07
C PRO B 149 -11.88 -11.21 -19.60
N THR B 150 -12.02 -12.24 -18.77
CA THR B 150 -11.85 -12.07 -17.32
C THR B 150 -10.42 -11.73 -16.93
N GLN B 151 -9.43 -12.05 -17.77
CA GLN B 151 -8.06 -11.68 -17.47
C GLN B 151 -7.81 -10.17 -17.60
N LYS B 152 -8.82 -9.41 -18.03
CA LYS B 152 -8.72 -7.95 -18.12
C LYS B 152 -9.66 -7.25 -17.16
N PHE B 153 -10.05 -7.93 -16.08
CA PHE B 153 -10.84 -7.34 -15.01
C PHE B 153 -10.06 -7.40 -13.70
N SER B 154 -10.25 -6.40 -12.85
CA SER B 154 -9.64 -6.42 -11.53
C SER B 154 -10.31 -7.48 -10.66
N GLY B 155 -9.75 -7.69 -9.47
CA GLY B 155 -10.27 -8.72 -8.58
C GLY B 155 -11.71 -8.47 -8.17
N GLY B 156 -12.06 -7.21 -7.92
CA GLY B 156 -13.42 -6.89 -7.52
C GLY B 156 -14.43 -7.15 -8.64
N TRP B 157 -14.10 -6.76 -9.86
CA TRP B 157 -14.98 -7.03 -10.98
C TRP B 157 -15.13 -8.53 -11.21
N ARG B 158 -14.07 -9.29 -10.94
CA ARG B 158 -14.17 -10.73 -11.08
C ARG B 158 -15.00 -11.34 -9.96
N ARG B 160 -17.59 -9.71 -8.85
CA ARG B 160 -18.92 -9.40 -9.40
C ARG B 160 -19.34 -10.45 -10.42
N VAL B 161 -18.41 -10.88 -11.28
CA VAL B 161 -18.71 -11.97 -12.22
C VAL B 161 -19.07 -13.24 -11.46
N SER B 162 -18.38 -13.50 -10.35
CA SER B 162 -18.70 -14.66 -9.52
C SER B 162 -20.11 -14.56 -8.97
N LEU B 163 -20.51 -13.38 -8.49
CA LEU B 163 -21.86 -13.21 -7.97
C LEU B 163 -22.90 -13.40 -9.06
N ALA B 164 -22.62 -12.87 -10.25
CA ALA B 164 -23.53 -13.07 -11.38
C ALA B 164 -23.67 -14.54 -11.72
N ARG B 165 -22.55 -15.29 -11.71
CA ARG B 165 -22.60 -16.72 -11.98
C ARG B 165 -23.42 -17.44 -10.91
N ALA B 166 -23.23 -17.10 -9.64
CA ALA B 166 -23.98 -17.73 -8.56
C ALA B 166 -25.47 -17.47 -8.71
N LEU B 167 -25.85 -16.23 -9.03
CA LEU B 167 -27.26 -15.92 -9.26
C LEU B 167 -27.80 -16.65 -10.49
N PHE B 168 -26.95 -16.83 -11.51
CA PHE B 168 -27.40 -17.49 -12.73
C PHE B 168 -27.66 -18.97 -12.52
N GLU B 170 -28.75 -20.51 -10.05
CA GLU B 170 -29.97 -20.71 -9.27
C GLU B 170 -29.92 -22.02 -8.47
N PRO B 171 -28.99 -22.14 -7.52
CA PRO B 171 -28.94 -23.36 -6.72
C PRO B 171 -30.14 -23.44 -5.78
N THR B 172 -30.36 -24.64 -5.25
CA THR B 172 -31.44 -24.82 -4.28
C THR B 172 -31.24 -23.91 -3.07
N LEU B 173 -30.02 -23.85 -2.55
CA LEU B 173 -29.68 -22.99 -1.42
C LEU B 173 -28.54 -22.07 -1.82
N LEU B 174 -28.86 -20.79 -2.01
CA LEU B 174 -27.86 -19.78 -2.33
C LEU B 174 -27.47 -19.02 -1.06
N LEU B 176 -25.19 -15.84 0.43
CA LEU B 176 -24.54 -14.57 0.14
C LEU B 176 -24.03 -13.97 1.44
N ASP B 177 -22.73 -13.69 1.49
CA ASP B 177 -22.09 -13.14 2.68
C ASP B 177 -21.81 -11.66 2.46
N GLU B 178 -22.69 -10.81 3.00
CA GLU B 178 -22.63 -9.35 2.87
C GLU B 178 -22.38 -8.95 1.42
N PRO B 179 -23.34 -9.22 0.52
CA PRO B 179 -23.07 -8.93 -0.91
C PRO B 179 -23.01 -7.45 -1.22
N THR B 180 -23.81 -6.62 -0.55
CA THR B 180 -23.83 -5.19 -0.83
C THR B 180 -22.55 -4.48 -0.37
N ASN B 181 -21.61 -5.18 0.26
CA ASN B 181 -20.44 -4.53 0.82
C ASN B 181 -19.58 -3.90 -0.27
N HIS B 182 -19.32 -4.62 -1.36
CA HIS B 182 -18.56 -4.03 -2.45
C HIS B 182 -19.40 -3.93 -3.72
N LEU B 183 -20.60 -3.36 -3.58
CA LEU B 183 -21.44 -2.98 -4.71
C LEU B 183 -21.80 -1.51 -4.59
N ASP B 184 -21.90 -0.83 -5.73
CA ASP B 184 -22.39 0.53 -5.73
C ASP B 184 -23.90 0.55 -5.50
N LEU B 185 -24.46 1.76 -5.38
CA LEU B 185 -25.87 1.89 -5.04
C LEU B 185 -26.76 1.36 -6.16
N ASN B 186 -26.38 1.58 -7.42
CA ASN B 186 -27.19 1.09 -8.53
C ASN B 186 -27.23 -0.44 -8.54
N ALA B 187 -26.08 -1.08 -8.37
CA ALA B 187 -26.04 -2.54 -8.30
C ALA B 187 -26.80 -3.07 -7.10
N VAL B 188 -26.78 -2.33 -5.97
CA VAL B 188 -27.54 -2.77 -4.81
C VAL B 188 -29.04 -2.67 -5.08
N ILE B 189 -29.47 -1.60 -5.74
CA ILE B 189 -30.87 -1.46 -6.12
C ILE B 189 -31.29 -2.64 -6.99
N TRP B 190 -30.48 -2.97 -8.00
CA TRP B 190 -30.82 -4.09 -8.87
C TRP B 190 -30.85 -5.40 -8.10
N LEU B 191 -29.85 -5.64 -7.25
CA LEU B 191 -29.78 -6.91 -6.54
C LEU B 191 -30.94 -7.07 -5.57
N ASN B 192 -31.29 -5.99 -4.87
CA ASN B 192 -32.47 -5.99 -4.01
C ASN B 192 -33.71 -6.39 -4.80
N ASN B 193 -33.99 -5.67 -5.88
CA ASN B 193 -35.17 -5.95 -6.67
C ASN B 193 -35.13 -7.36 -7.25
N TYR B 194 -33.95 -7.87 -7.57
CA TYR B 194 -33.84 -9.18 -8.19
C TYR B 194 -34.08 -10.29 -7.18
N LEU B 195 -33.50 -10.18 -5.98
CA LEU B 195 -33.71 -11.19 -4.97
C LEU B 195 -35.12 -11.14 -4.38
N GLN B 196 -35.83 -10.03 -4.53
CA GLN B 196 -37.24 -10.03 -4.12
C GLN B 196 -38.07 -11.02 -4.94
N GLY B 197 -37.66 -11.31 -6.17
CA GLY B 197 -38.32 -12.30 -7.01
C GLY B 197 -37.71 -13.68 -6.95
N TRP B 198 -36.74 -13.89 -6.07
CA TRP B 198 -36.10 -15.20 -5.92
C TRP B 198 -37.05 -16.16 -5.22
N ARG B 199 -37.26 -17.34 -5.82
CA ARG B 199 -38.23 -18.29 -5.30
C ARG B 199 -37.61 -19.56 -4.75
N LYS B 200 -36.28 -19.65 -4.69
CA LYS B 200 -35.61 -20.77 -4.05
C LYS B 200 -35.09 -20.32 -2.68
N THR B 201 -34.31 -21.19 -2.03
CA THR B 201 -33.88 -20.92 -0.66
C THR B 201 -32.66 -20.01 -0.63
N LEU B 202 -32.71 -19.03 0.27
CA LEU B 202 -31.73 -17.96 0.36
C LEU B 202 -31.26 -17.81 1.80
N LEU B 203 -29.94 -17.79 1.99
CA LEU B 203 -29.34 -17.44 3.27
C LEU B 203 -28.35 -16.30 3.02
N ILE B 204 -28.67 -15.12 3.55
CA ILE B 204 -27.90 -13.91 3.29
C ILE B 204 -27.49 -13.31 4.62
N VAL B 205 -26.18 -13.09 4.79
CA VAL B 205 -25.65 -12.29 5.87
C VAL B 205 -25.60 -10.84 5.38
N SER B 206 -26.20 -9.93 6.13
CA SER B 206 -26.22 -8.54 5.70
C SER B 206 -26.42 -7.63 6.90
N HIS B 207 -25.88 -6.42 6.78
CA HIS B 207 -26.15 -5.34 7.71
C HIS B 207 -26.88 -4.18 7.04
N ASP B 208 -27.43 -4.41 5.85
CA ASP B 208 -28.23 -3.42 5.14
C ASP B 208 -29.69 -3.63 5.55
N GLN B 209 -30.21 -2.69 6.36
CA GLN B 209 -31.55 -2.87 6.92
C GLN B 209 -32.62 -2.82 5.84
N GLY B 210 -32.49 -1.90 4.88
CA GLY B 210 -33.47 -1.84 3.79
C GLY B 210 -33.44 -3.10 2.94
N PHE B 211 -32.25 -3.58 2.62
CA PHE B 211 -32.11 -4.82 1.87
C PHE B 211 -32.78 -5.98 2.60
N LEU B 212 -32.48 -6.13 3.90
CA LEU B 212 -33.06 -7.22 4.69
C LEU B 212 -34.58 -7.09 4.75
N ASP B 213 -35.09 -5.87 4.91
CA ASP B 213 -36.53 -5.67 5.02
C ASP B 213 -37.24 -5.93 3.70
N ASP B 214 -36.56 -5.69 2.58
CA ASP B 214 -37.20 -5.91 1.29
C ASP B 214 -37.13 -7.35 0.83
N VAL B 215 -36.06 -8.07 1.16
CA VAL B 215 -35.78 -9.37 0.54
C VAL B 215 -36.19 -10.53 1.45
N CYS B 216 -35.97 -10.43 2.75
CA CYS B 216 -36.01 -11.59 3.62
C CYS B 216 -37.41 -11.87 4.15
N THR B 217 -37.77 -13.15 4.15
CA THR B 217 -38.99 -13.61 4.80
C THR B 217 -38.74 -14.09 6.22
N ASP B 218 -37.50 -14.46 6.55
CA ASP B 218 -37.16 -14.87 7.92
C ASP B 218 -35.86 -14.19 8.32
N ILE B 219 -35.70 -14.00 9.64
CA ILE B 219 -34.50 -13.40 10.20
C ILE B 219 -33.90 -14.37 11.21
N ILE B 220 -32.60 -14.63 11.07
CA ILE B 220 -31.82 -15.41 12.02
C ILE B 220 -30.87 -14.46 12.72
N HIS B 221 -30.98 -14.36 14.03
CA HIS B 221 -30.16 -13.47 14.84
C HIS B 221 -29.09 -14.30 15.55
N LEU B 222 -27.83 -14.00 15.27
CA LEU B 222 -26.71 -14.64 15.96
C LEU B 222 -26.49 -13.92 17.28
N ASP B 223 -26.82 -14.58 18.38
CA ASP B 223 -26.78 -13.97 19.70
C ASP B 223 -26.52 -15.04 20.73
N ALA B 224 -25.71 -14.70 21.74
CA ALA B 224 -25.37 -15.60 22.83
C ALA B 224 -24.80 -16.93 22.31
N GLN B 225 -24.07 -16.86 21.20
CA GLN B 225 -23.45 -18.01 20.56
C GLN B 225 -24.48 -19.02 20.06
N ARG B 226 -25.72 -18.58 19.87
CA ARG B 226 -26.78 -19.41 19.31
C ARG B 226 -27.47 -18.63 18.20
N LEU B 227 -28.38 -19.32 17.51
CA LEU B 227 -29.16 -18.74 16.43
C LEU B 227 -30.62 -18.67 16.86
N HIS B 228 -31.21 -17.48 16.77
CA HIS B 228 -32.61 -17.27 17.14
C HIS B 228 -33.41 -16.93 15.89
N TYR B 229 -34.59 -17.49 15.76
CA TYR B 229 -35.34 -17.42 14.51
C TYR B 229 -36.61 -16.59 14.69
N TYR B 230 -36.87 -15.71 13.72
CA TYR B 230 -38.06 -14.91 13.68
C TYR B 230 -38.60 -14.93 12.25
N ARG B 231 -39.92 -14.89 12.12
CA ARG B 231 -40.55 -14.95 10.81
C ARG B 231 -41.28 -13.65 10.54
N GLY B 232 -40.84 -12.94 9.50
CA GLY B 232 -41.43 -11.67 9.12
C GLY B 232 -40.36 -10.70 8.68
N ASN B 233 -40.76 -9.46 8.36
CA ASN B 233 -39.85 -8.41 7.96
C ASN B 233 -38.72 -8.25 8.96
N TYR B 234 -37.62 -7.60 8.57
CA TYR B 234 -36.58 -7.33 9.56
C TYR B 234 -36.99 -6.17 10.46
N THR B 236 -39.74 -5.34 11.93
CA THR B 236 -40.53 -5.67 13.12
C THR B 236 -39.75 -6.55 14.09
N PHE B 237 -38.92 -7.47 13.58
CA PHE B 237 -37.97 -8.16 14.44
C PHE B 237 -37.13 -7.15 15.20
N LYS B 238 -36.71 -6.08 14.53
CA LYS B 238 -35.80 -5.15 15.18
C LYS B 238 -36.48 -4.44 16.35
N LYS B 239 -37.76 -4.09 16.21
CA LYS B 239 -38.42 -3.40 17.31
C LYS B 239 -38.74 -4.37 18.44
N TYR B 241 -36.89 -6.93 19.25
CA TYR B 241 -35.59 -7.16 19.85
C TYR B 241 -35.13 -5.95 20.68
N GLN B 242 -35.29 -4.74 20.12
CA GLN B 242 -34.85 -3.53 20.82
C GLN B 242 -35.69 -3.25 22.04
N GLN B 243 -37.01 -3.44 21.96
CA GLN B 243 -37.84 -3.23 23.14
C GLN B 243 -37.51 -4.27 24.21
N LYS B 244 -37.23 -5.51 23.81
CA LYS B 244 -36.75 -6.44 24.82
C LYS B 244 -35.48 -5.91 25.48
N GLN B 245 -34.48 -5.55 24.68
CA GLN B 245 -33.23 -5.08 25.28
C GLN B 245 -33.44 -3.88 26.20
N LYS B 246 -34.43 -3.03 25.91
CA LYS B 246 -34.80 -1.99 26.87
C LYS B 246 -35.26 -2.61 28.18
N GLU B 247 -36.17 -3.58 28.09
CA GLU B 247 -36.57 -4.31 29.29
C GLU B 247 -35.39 -4.90 30.03
N LEU B 248 -34.41 -5.44 29.29
CA LEU B 248 -33.26 -6.05 29.95
C LEU B 248 -32.41 -4.98 30.63
N LEU B 249 -32.33 -3.78 30.05
CA LEU B 249 -31.54 -2.71 30.64
C LEU B 249 -32.16 -2.23 31.95
N LYS B 250 -33.48 -2.17 32.02
CA LYS B 250 -34.11 -1.82 33.29
C LYS B 250 -33.92 -2.92 34.33
N GLN B 251 -34.20 -4.16 33.95
CA GLN B 251 -33.96 -5.31 34.82
C GLN B 251 -32.48 -5.44 35.20
N PRO B 306 -24.92 -6.35 30.20
CA PRO B 306 -25.75 -6.17 29.00
C PRO B 306 -24.93 -5.69 27.81
N LYS B 307 -24.65 -4.39 27.78
CA LYS B 307 -23.77 -3.78 26.79
C LYS B 307 -22.68 -3.02 27.52
N GLU B 308 -21.42 -3.32 27.19
CA GLU B 308 -20.31 -2.69 27.90
C GLU B 308 -20.30 -1.19 27.68
N TYR B 309 -20.34 -0.76 26.42
CA TYR B 309 -20.44 0.65 26.07
C TYR B 309 -21.73 0.89 25.30
N THR B 310 -22.30 2.07 25.48
CA THR B 310 -23.41 2.51 24.65
C THR B 310 -22.86 3.08 23.35
N VAL B 311 -23.17 2.44 22.23
CA VAL B 311 -22.64 2.87 20.95
C VAL B 311 -23.27 4.20 20.56
N ARG B 312 -22.45 5.22 20.39
CA ARG B 312 -22.93 6.57 20.09
C ARG B 312 -21.86 7.26 19.25
N PHE B 313 -22.18 7.53 17.99
CA PHE B 313 -21.21 8.03 17.03
C PHE B 313 -21.13 9.55 16.98
N THR B 314 -21.59 10.23 18.03
CA THR B 314 -21.68 11.69 18.03
C THR B 314 -20.34 12.33 17.66
N PHE B 315 -20.41 13.29 16.74
CA PHE B 315 -19.28 14.12 16.36
C PHE B 315 -19.45 15.52 16.95
N PRO B 316 -18.39 16.12 17.48
CA PRO B 316 -18.53 17.43 18.12
C PRO B 316 -18.98 18.50 17.13
N ASP B 317 -19.81 19.41 17.60
CA ASP B 317 -20.37 20.45 16.74
C ASP B 317 -19.31 21.51 16.45
N PRO B 318 -19.08 21.84 15.17
CA PRO B 318 -18.01 22.77 14.84
C PRO B 318 -18.35 24.18 15.26
N PRO B 319 -17.35 25.00 15.58
CA PRO B 319 -17.61 26.41 15.93
C PRO B 319 -17.98 27.21 14.70
N PRO B 320 -18.34 28.49 14.86
CA PRO B 320 -18.67 29.32 13.70
C PRO B 320 -17.56 29.33 12.66
N LEU B 321 -17.96 29.14 11.39
CA LEU B 321 -17.04 29.19 10.26
C LEU B 321 -17.63 30.10 9.20
N SER B 322 -16.87 31.12 8.82
CA SER B 322 -17.38 32.11 7.89
C SER B 322 -17.45 31.54 6.47
N PRO B 323 -18.54 31.74 5.76
CA PRO B 323 -18.63 31.27 4.37
C PRO B 323 -17.77 32.12 3.46
N PRO B 324 -17.40 31.60 2.26
CA PRO B 324 -17.76 30.29 1.73
C PRO B 324 -16.99 29.15 2.38
N VAL B 325 -17.67 28.01 2.49
CA VAL B 325 -17.14 26.85 3.19
C VAL B 325 -16.19 26.07 2.30
N LEU B 326 -16.73 25.47 1.24
CA LEU B 326 -15.99 24.58 0.37
C LEU B 326 -16.73 24.42 -0.96
N GLY B 327 -16.00 24.53 -2.06
CA GLY B 327 -16.62 24.46 -3.36
C GLY B 327 -15.62 24.20 -4.47
N LEU B 328 -16.14 23.67 -5.57
CA LEU B 328 -15.42 23.49 -6.81
C LEU B 328 -15.96 24.49 -7.82
N HIS B 329 -15.05 25.17 -8.52
CA HIS B 329 -15.41 26.21 -9.47
C HIS B 329 -14.74 25.92 -10.80
N GLY B 330 -15.56 25.79 -11.84
CA GLY B 330 -15.08 25.52 -13.20
C GLY B 330 -14.15 24.34 -13.29
N VAL B 331 -14.36 23.31 -12.49
CA VAL B 331 -13.37 22.26 -12.32
C VAL B 331 -13.44 21.27 -13.49
N THR B 332 -12.28 21.00 -14.09
CA THR B 332 -12.10 19.93 -15.05
C THR B 332 -11.06 18.98 -14.49
N PHE B 333 -11.34 17.68 -14.55
CA PHE B 333 -10.37 16.71 -14.05
C PHE B 333 -10.49 15.40 -14.82
N GLY B 334 -9.34 14.77 -15.04
CA GLY B 334 -9.28 13.44 -15.60
C GLY B 334 -7.92 12.84 -15.35
N TYR B 335 -7.87 11.51 -15.32
CA TYR B 335 -6.61 10.83 -15.08
C TYR B 335 -5.78 10.79 -16.36
N GLN B 336 -4.57 10.25 -16.26
CA GLN B 336 -3.62 10.30 -17.37
C GLN B 336 -4.14 9.55 -18.58
N GLY B 337 -4.13 10.21 -19.72
CA GLY B 337 -4.49 9.58 -20.98
C GLY B 337 -5.93 9.13 -21.08
N GLN B 338 -6.81 9.64 -20.24
CA GLN B 338 -8.22 9.26 -20.24
C GLN B 338 -9.11 10.48 -20.42
N LYS B 339 -10.35 10.21 -20.81
CA LYS B 339 -11.33 11.28 -20.93
C LYS B 339 -11.55 11.94 -19.58
N PRO B 340 -11.72 13.26 -19.53
CA PRO B 340 -11.99 13.92 -18.24
C PRO B 340 -13.29 13.44 -17.63
N LEU B 341 -13.24 13.06 -16.35
CA LEU B 341 -14.44 12.64 -15.65
C LEU B 341 -15.35 13.82 -15.35
N PHE B 342 -14.79 15.02 -15.22
CA PHE B 342 -15.58 16.20 -14.92
C PHE B 342 -15.12 17.36 -15.80
N LYS B 343 -16.09 18.13 -16.26
CA LYS B 343 -15.87 19.28 -17.14
C LYS B 343 -16.72 20.43 -16.62
N ASN B 344 -16.10 21.58 -16.39
CA ASN B 344 -16.81 22.80 -16.01
C ASN B 344 -17.75 22.56 -14.83
N LEU B 345 -17.21 21.94 -13.79
CA LEU B 345 -18.02 21.52 -12.64
C LEU B 345 -18.06 22.62 -11.58
N ASP B 346 -19.27 22.98 -11.16
CA ASP B 346 -19.50 23.92 -10.07
C ASP B 346 -20.26 23.19 -8.98
N PHE B 347 -19.62 22.98 -7.84
CA PHE B 347 -20.21 22.17 -6.77
C PHE B 347 -19.81 22.73 -5.42
N GLY B 348 -20.72 23.41 -4.73
CA GLY B 348 -20.42 23.97 -3.42
C GLY B 348 -21.26 23.37 -2.32
N ILE B 349 -20.81 23.46 -1.08
CA ILE B 349 -21.56 22.93 0.05
C ILE B 349 -21.74 24.01 1.12
N ASP B 350 -22.81 23.83 1.89
CA ASP B 350 -23.16 24.67 3.03
C ASP B 350 -22.73 23.97 4.32
N ASP B 352 -24.83 23.24 6.51
CA ASP B 352 -25.94 22.35 6.77
C ASP B 352 -26.20 21.38 5.62
N SER B 353 -25.26 21.26 4.68
CA SER B 353 -25.48 20.42 3.52
C SER B 353 -25.55 18.95 3.89
N ARG B 354 -26.46 18.23 3.25
CA ARG B 354 -26.56 16.77 3.34
C ARG B 354 -26.61 16.25 1.91
N ILE B 355 -25.46 15.78 1.41
CA ILE B 355 -25.32 15.40 0.00
C ILE B 355 -24.99 13.92 -0.07
N CYS B 356 -25.72 13.19 -0.91
CA CYS B 356 -25.36 11.82 -1.25
C CYS B 356 -25.04 11.75 -2.74
N ILE B 357 -23.80 11.41 -3.06
CA ILE B 357 -23.36 11.28 -4.44
C ILE B 357 -23.72 9.89 -4.93
N VAL B 358 -24.49 9.83 -6.01
CA VAL B 358 -24.93 8.58 -6.61
C VAL B 358 -24.50 8.54 -8.07
N GLY B 359 -24.65 7.37 -8.67
CA GLY B 359 -24.23 7.15 -10.04
C GLY B 359 -23.67 5.76 -10.23
N PRO B 360 -23.60 5.30 -11.47
CA PRO B 360 -23.08 3.96 -11.74
C PRO B 360 -21.62 3.83 -11.33
N ASN B 361 -21.18 2.59 -11.18
CA ASN B 361 -19.82 2.32 -10.73
C ASN B 361 -18.81 2.77 -11.78
N GLY B 362 -17.71 3.34 -11.31
CA GLY B 362 -16.68 3.85 -12.20
C GLY B 362 -16.99 5.20 -12.81
N VAL B 363 -18.04 5.88 -12.37
CA VAL B 363 -18.40 7.17 -12.96
C VAL B 363 -17.57 8.31 -12.39
N GLY B 364 -17.02 8.16 -11.19
CA GLY B 364 -16.17 9.20 -10.62
C GLY B 364 -16.63 9.76 -9.29
N LYS B 365 -17.40 8.96 -8.53
CA LYS B 365 -17.88 9.42 -7.23
C LYS B 365 -16.73 9.64 -6.26
N SER B 366 -15.89 8.61 -6.10
CA SER B 366 -14.71 8.74 -5.24
C SER B 366 -13.79 9.84 -5.72
N THR B 367 -13.62 9.96 -7.04
CA THR B 367 -12.80 11.04 -7.59
C THR B 367 -13.34 12.40 -7.20
N LEU B 368 -14.67 12.56 -7.21
CA LEU B 368 -15.28 13.82 -6.78
C LEU B 368 -14.97 14.11 -5.32
N LEU B 369 -15.11 13.09 -4.46
CA LEU B 369 -14.76 13.29 -3.05
C LEU B 369 -13.30 13.71 -2.90
N LEU B 370 -12.40 13.09 -3.67
CA LEU B 370 -10.99 13.42 -3.57
C LEU B 370 -10.70 14.84 -4.08
N LEU B 371 -11.48 15.30 -5.07
CA LEU B 371 -11.37 16.69 -5.48
C LEU B 371 -11.82 17.63 -4.36
N LEU B 372 -12.85 17.22 -3.61
CA LEU B 372 -13.33 18.05 -2.51
C LEU B 372 -12.34 18.11 -1.36
N THR B 373 -11.60 17.03 -1.10
CA THR B 373 -10.64 17.03 0.00
C THR B 373 -9.30 17.68 -0.37
N GLY B 374 -9.05 17.92 -1.65
CA GLY B 374 -7.76 18.43 -2.09
C GLY B 374 -6.74 17.37 -2.42
N LYS B 375 -7.07 16.09 -2.24
CA LYS B 375 -6.15 15.01 -2.59
C LYS B 375 -5.81 15.04 -4.08
N LEU B 376 -6.83 15.20 -4.91
CA LEU B 376 -6.65 15.33 -6.35
C LEU B 376 -6.73 16.80 -6.74
N THR B 377 -5.96 17.16 -7.77
CA THR B 377 -5.86 18.55 -8.22
C THR B 377 -6.54 18.71 -9.57
N PRO B 378 -7.42 19.70 -9.74
CA PRO B 378 -8.09 19.88 -11.02
C PRO B 378 -7.11 20.24 -12.12
N THR B 379 -7.37 19.72 -13.32
CA THR B 379 -6.59 20.12 -14.48
C THR B 379 -6.99 21.50 -14.98
N HIS B 380 -8.25 21.88 -14.76
CA HIS B 380 -8.73 23.23 -15.02
C HIS B 380 -9.69 23.62 -13.90
N GLY B 381 -9.83 24.91 -13.67
CA GLY B 381 -10.64 25.39 -12.57
C GLY B 381 -9.93 25.20 -11.24
N GLU B 382 -10.69 25.32 -10.16
CA GLU B 382 -10.04 25.28 -8.85
C GLU B 382 -11.00 24.85 -7.76
N ARG B 384 -11.86 25.75 -3.89
CA ARG B 384 -11.68 26.81 -2.92
C ARG B 384 -12.38 26.42 -1.63
N LYS B 385 -11.78 26.83 -0.51
CA LYS B 385 -12.35 26.56 0.79
C LYS B 385 -11.87 27.61 1.77
N ASN B 386 -12.66 27.79 2.83
CA ASN B 386 -12.19 28.57 3.97
C ASN B 386 -10.89 27.95 4.48
N HIS B 387 -9.86 28.78 4.64
CA HIS B 387 -8.54 28.26 4.98
C HIS B 387 -8.51 27.57 6.33
N ARG B 388 -9.45 27.88 7.22
CA ARG B 388 -9.54 27.23 8.52
C ARG B 388 -10.44 26.01 8.53
N LEU B 389 -10.99 25.64 7.37
CA LEU B 389 -11.88 24.48 7.29
C LEU B 389 -11.10 23.21 7.59
N LYS B 390 -11.70 22.35 8.40
CA LYS B 390 -11.15 21.03 8.72
C LYS B 390 -12.08 19.97 8.15
N ILE B 391 -11.52 19.07 7.34
CA ILE B 391 -12.27 18.02 6.68
C ILE B 391 -11.94 16.69 7.33
N GLY B 392 -12.98 15.99 7.81
CA GLY B 392 -12.83 14.63 8.26
C GLY B 392 -13.23 13.66 7.16
N PHE B 393 -12.25 12.94 6.63
CA PHE B 393 -12.45 12.11 5.45
C PHE B 393 -12.35 10.64 5.83
N PHE B 394 -13.29 9.84 5.33
CA PHE B 394 -13.34 8.41 5.56
C PHE B 394 -13.44 7.68 4.22
N ASN B 395 -12.66 6.61 4.09
CA ASN B 395 -12.86 5.65 3.01
C ASN B 395 -12.24 4.32 3.41
N GLN B 396 -12.64 3.26 2.71
CA GLN B 396 -12.19 1.90 3.04
C GLN B 396 -10.67 1.79 3.03
N GLN B 397 -10.02 2.49 2.10
CA GLN B 397 -8.58 2.34 1.91
C GLN B 397 -7.82 2.89 3.11
N TYR B 398 -8.28 4.01 3.67
CA TYR B 398 -7.65 4.56 4.86
C TYR B 398 -7.81 3.61 6.05
N ALA B 399 -8.96 2.94 6.14
CA ALA B 399 -9.19 2.02 7.26
C ALA B 399 -8.28 0.80 7.15
N GLU B 400 -8.18 0.19 5.97
CA GLU B 400 -7.33 -0.98 5.83
C GLU B 400 -5.85 -0.60 5.84
N GLN B 401 -5.51 0.66 5.53
CA GLN B 401 -4.12 1.11 5.60
C GLN B 401 -3.60 1.16 7.03
N LEU B 402 -4.50 1.15 8.01
CA LEU B 402 -4.11 1.16 9.42
C LEU B 402 -3.43 -0.16 9.76
N ARG B 403 -2.10 -0.18 9.76
CA ARG B 403 -1.33 -1.38 10.06
C ARG B 403 -0.26 -1.10 11.11
N GLU B 405 1.79 -0.92 14.77
CA GLU B 405 2.08 -1.81 15.90
C GLU B 405 1.80 -1.13 17.23
N GLU B 406 0.83 -0.21 17.26
CA GLU B 406 0.35 0.42 18.47
C GLU B 406 -1.13 0.10 18.63
N THR B 407 -1.62 0.27 19.86
CA THR B 407 -3.03 0.01 20.14
C THR B 407 -3.88 1.21 19.75
N PRO B 408 -5.19 1.02 19.55
CA PRO B 408 -6.06 2.17 19.29
C PRO B 408 -5.99 3.22 20.38
N THR B 409 -5.86 2.79 21.64
CA THR B 409 -5.71 3.74 22.74
C THR B 409 -4.48 4.61 22.54
N GLU B 410 -3.33 3.99 22.26
CA GLU B 410 -2.12 4.76 22.00
C GLU B 410 -2.23 5.59 20.73
N TYR B 411 -2.94 5.07 19.72
CA TYR B 411 -3.18 5.84 18.51
C TYR B 411 -3.84 7.17 18.84
N LEU B 412 -4.96 7.13 19.58
CA LEU B 412 -5.64 8.37 19.94
C LEU B 412 -4.82 9.22 20.91
N GLN B 413 -4.12 8.57 21.84
CA GLN B 413 -3.27 9.30 22.78
C GLN B 413 -2.23 10.15 22.07
N ARG B 414 -1.49 9.53 21.15
CA ARG B 414 -0.41 10.24 20.47
C ARG B 414 -0.96 11.21 19.43
N GLY B 415 -2.04 10.83 18.75
CA GLY B 415 -2.58 11.71 17.71
C GLY B 415 -3.26 12.94 18.25
N PHE B 416 -3.85 12.86 19.44
CA PHE B 416 -4.67 13.95 19.95
C PHE B 416 -4.41 14.34 21.39
N ASN B 417 -3.39 13.75 22.03
CA ASN B 417 -2.96 14.14 23.37
C ASN B 417 -4.12 14.05 24.38
N LEU B 418 -4.84 12.95 24.32
CA LEU B 418 -5.94 12.66 25.23
C LEU B 418 -5.45 11.77 26.37
N PRO B 419 -6.01 11.93 27.57
CA PRO B 419 -5.81 10.92 28.60
C PRO B 419 -6.42 9.59 28.16
N TYR B 420 -5.77 8.49 28.55
CA TYR B 420 -6.18 7.20 28.02
C TYR B 420 -7.61 6.84 28.43
N GLN B 421 -8.08 7.37 29.56
CA GLN B 421 -9.48 7.18 29.95
C GLN B 421 -10.41 7.73 28.87
N ASP B 422 -10.13 8.95 28.40
CA ASP B 422 -10.96 9.55 27.36
C ASP B 422 -10.78 8.82 26.03
N ALA B 423 -9.56 8.37 25.72
CA ALA B 423 -9.34 7.61 24.50
C ALA B 423 -10.18 6.33 24.49
N ARG B 424 -10.23 5.64 25.63
CA ARG B 424 -11.00 4.40 25.70
C ARG B 424 -12.50 4.66 25.71
N LYS B 425 -12.94 5.75 26.34
CA LYS B 425 -14.35 6.14 26.21
C LYS B 425 -14.72 6.40 24.76
N CYS B 426 -13.85 7.13 24.03
CA CYS B 426 -14.10 7.42 22.62
C CYS B 426 -14.17 6.15 21.80
N LEU B 427 -13.19 5.24 21.98
CA LEU B 427 -13.20 3.98 21.25
C LEU B 427 -14.43 3.15 21.60
N GLY B 428 -14.86 3.18 22.86
CA GLY B 428 -15.97 2.37 23.28
C GLY B 428 -17.29 2.83 22.70
N ARG B 429 -17.53 4.15 22.69
CA ARG B 429 -18.80 4.62 22.15
C ARG B 429 -18.87 4.47 20.63
N PHE B 430 -17.76 4.26 19.96
CA PHE B 430 -17.76 3.99 18.52
C PHE B 430 -17.79 2.49 18.21
N GLY B 431 -18.01 1.65 19.22
CA GLY B 431 -18.26 0.24 19.01
C GLY B 431 -17.08 -0.69 19.19
N LEU B 432 -15.90 -0.17 19.51
CA LEU B 432 -14.74 -1.03 19.73
C LEU B 432 -14.83 -1.67 21.10
N GLU B 433 -14.82 -3.01 21.14
CA GLU B 433 -14.87 -3.72 22.40
C GLU B 433 -13.66 -3.37 23.26
N SER B 434 -13.84 -3.51 24.58
CA SER B 434 -12.80 -3.08 25.52
C SER B 434 -11.50 -3.83 25.29
N HIS B 435 -11.58 -5.16 25.10
CA HIS B 435 -10.40 -5.96 24.79
C HIS B 435 -9.59 -5.33 23.66
N ALA B 436 -10.24 -5.08 22.52
CA ALA B 436 -9.56 -4.53 21.36
C ALA B 436 -8.93 -3.17 21.61
N HIS B 437 -9.25 -2.51 22.72
CA HIS B 437 -8.59 -1.24 23.03
C HIS B 437 -7.09 -1.42 23.21
N THR B 438 -6.65 -2.61 23.63
CA THR B 438 -5.23 -2.84 23.90
C THR B 438 -4.59 -3.81 22.90
N ILE B 439 -5.25 -4.08 21.79
CA ILE B 439 -4.72 -4.95 20.75
C ILE B 439 -4.00 -4.10 19.71
N GLN B 440 -2.90 -4.62 19.19
CA GLN B 440 -2.20 -3.91 18.12
C GLN B 440 -3.10 -3.79 16.89
N ILE B 441 -3.06 -2.61 16.28
CA ILE B 441 -3.99 -2.28 15.20
C ILE B 441 -3.81 -3.22 14.00
N CYS B 442 -2.59 -3.71 13.79
CA CYS B 442 -2.34 -4.62 12.68
C CYS B 442 -3.08 -5.95 12.83
N LYS B 443 -3.47 -6.33 14.05
CA LYS B 443 -4.19 -7.56 14.28
C LYS B 443 -5.69 -7.37 14.31
N LEU B 444 -6.19 -6.15 14.17
CA LEU B 444 -7.62 -5.89 14.19
C LEU B 444 -8.27 -6.25 12.86
N SER B 445 -9.58 -6.49 12.91
CA SER B 445 -10.35 -6.79 11.72
C SER B 445 -10.69 -5.51 10.97
N GLY B 446 -11.37 -5.65 9.83
CA GLY B 446 -11.72 -4.48 9.04
C GLY B 446 -12.71 -3.58 9.75
N GLY B 447 -13.73 -4.17 10.39
CA GLY B 447 -14.70 -3.36 11.09
C GLY B 447 -14.12 -2.61 12.28
N GLN B 448 -13.24 -3.28 13.03
CA GLN B 448 -12.57 -2.62 14.15
C GLN B 448 -11.72 -1.45 13.67
N LYS B 449 -11.01 -1.63 12.55
CA LYS B 449 -10.23 -0.54 11.98
C LYS B 449 -11.12 0.62 11.55
N ALA B 450 -12.27 0.30 10.93
CA ALA B 450 -13.20 1.37 10.53
C ALA B 450 -13.70 2.15 11.75
N ARG B 451 -13.97 1.44 12.85
CA ARG B 451 -14.40 2.14 14.06
C ARG B 451 -13.28 3.02 14.61
N VAL B 452 -12.03 2.56 14.53
CA VAL B 452 -10.91 3.41 14.92
C VAL B 452 -10.87 4.67 14.08
N VAL B 453 -11.13 4.54 12.78
CA VAL B 453 -11.11 5.72 11.91
C VAL B 453 -12.22 6.69 12.28
N PHE B 454 -13.41 6.18 12.59
CA PHE B 454 -14.50 7.07 12.99
C PHE B 454 -14.18 7.79 14.30
N ALA B 455 -13.58 7.08 15.25
CA ALA B 455 -13.16 7.72 16.50
C ALA B 455 -12.12 8.81 16.23
N GLU B 456 -11.16 8.53 15.36
CA GLU B 456 -10.18 9.54 14.97
C GLU B 456 -10.85 10.76 14.37
N LEU B 457 -11.83 10.53 13.49
CA LEU B 457 -12.55 11.65 12.89
C LEU B 457 -13.23 12.50 13.95
N ALA B 458 -13.86 11.86 14.94
CA ALA B 458 -14.46 12.61 16.04
C ALA B 458 -13.42 13.43 16.78
N CYS B 459 -12.24 12.84 17.02
CA CYS B 459 -11.18 13.56 17.72
C CYS B 459 -10.60 14.71 16.90
N ARG B 460 -10.69 14.65 15.56
CA ARG B 460 -10.21 15.73 14.73
C ARG B 460 -11.10 16.96 14.79
N GLU B 461 -12.31 16.84 15.30
CA GLU B 461 -13.28 17.94 15.36
C GLU B 461 -13.48 18.58 13.99
N PRO B 462 -13.98 17.83 13.01
CA PRO B 462 -14.06 18.34 11.64
C PRO B 462 -15.24 19.29 11.46
N ASP B 463 -15.11 20.14 10.45
CA ASP B 463 -16.21 21.00 10.04
C ASP B 463 -17.08 20.35 8.97
N VAL B 464 -16.50 19.47 8.16
CA VAL B 464 -17.19 18.74 7.11
C VAL B 464 -16.80 17.28 7.20
N LEU B 465 -17.78 16.39 7.12
CA LEU B 465 -17.55 14.96 7.07
C LEU B 465 -17.75 14.47 5.65
N ILE B 466 -16.70 13.91 5.05
CA ILE B 466 -16.76 13.32 3.72
C ILE B 466 -16.54 11.82 3.88
N LEU B 467 -17.55 11.03 3.55
CA LEU B 467 -17.57 9.60 3.85
C LEU B 467 -17.83 8.82 2.57
N ASP B 468 -16.85 7.99 2.17
CA ASP B 468 -16.97 7.12 1.02
C ASP B 468 -17.27 5.71 1.51
N GLU B 469 -18.50 5.25 1.27
CA GLU B 469 -18.95 3.93 1.68
C GLU B 469 -18.72 3.66 3.17
N PRO B 470 -19.33 4.45 4.06
CA PRO B 470 -19.00 4.36 5.49
C PRO B 470 -19.58 3.13 6.20
N THR B 471 -20.54 2.44 5.60
CA THR B 471 -21.22 1.33 6.28
C THR B 471 -20.63 -0.03 5.93
N ASN B 472 -19.53 -0.07 5.17
CA ASN B 472 -19.07 -1.33 4.60
C ASN B 472 -18.71 -2.36 5.67
N ASN B 473 -18.17 -1.93 6.81
CA ASN B 473 -17.75 -2.87 7.84
C ASN B 473 -18.34 -2.52 9.20
N LEU B 474 -19.56 -2.00 9.21
CA LEU B 474 -20.28 -1.71 10.44
C LEU B 474 -21.41 -2.70 10.61
N ASP B 475 -21.85 -2.85 11.86
CA ASP B 475 -23.05 -3.62 12.14
C ASP B 475 -24.26 -2.69 12.14
N ILE B 476 -25.45 -3.26 12.31
CA ILE B 476 -26.68 -2.48 12.20
C ILE B 476 -26.77 -1.44 13.30
N GLU B 477 -26.38 -1.81 14.53
CA GLU B 477 -26.39 -0.86 15.63
C GLU B 477 -25.52 0.36 15.33
N SER B 478 -24.31 0.12 14.82
CA SER B 478 -23.42 1.24 14.53
C SER B 478 -23.89 2.04 13.33
N ILE B 479 -24.57 1.42 12.38
CA ILE B 479 -25.13 2.18 11.25
C ILE B 479 -26.23 3.11 11.74
N ASP B 480 -27.11 2.62 12.62
CA ASP B 480 -28.10 3.50 13.21
C ASP B 480 -27.44 4.63 13.99
N ALA B 481 -26.39 4.31 14.76
CA ALA B 481 -25.68 5.34 15.52
C ALA B 481 -25.08 6.38 14.59
N LEU B 482 -24.50 5.95 13.46
CA LEU B 482 -23.93 6.89 12.50
C LEU B 482 -25.01 7.78 11.91
N GLY B 483 -26.18 7.22 11.60
CA GLY B 483 -27.26 8.03 11.06
C GLY B 483 -27.71 9.12 12.02
N GLU B 484 -27.94 8.76 13.29
CA GLU B 484 -28.35 9.76 14.26
C GLU B 484 -27.23 10.77 14.57
N ALA B 485 -25.97 10.34 14.49
CA ALA B 485 -24.87 11.29 14.66
C ALA B 485 -24.84 12.29 13.51
N ILE B 486 -25.08 11.83 12.27
CA ILE B 486 -25.17 12.74 11.15
C ILE B 486 -26.33 13.71 11.33
N ASN B 487 -27.45 13.22 11.89
CA ASN B 487 -28.58 14.11 12.12
C ASN B 487 -28.30 15.13 13.21
N GLU B 488 -27.48 14.78 14.20
CA GLU B 488 -27.12 15.74 15.24
C GLU B 488 -26.03 16.71 14.78
N TYR B 489 -25.17 16.27 13.88
CA TYR B 489 -23.99 17.04 13.48
C TYR B 489 -24.37 18.38 12.87
N LYS B 490 -23.81 19.46 13.41
CA LYS B 490 -24.07 20.81 12.92
C LYS B 490 -23.09 21.25 11.84
N GLY B 491 -22.34 20.31 11.26
CA GLY B 491 -21.53 20.57 10.10
C GLY B 491 -22.09 19.92 8.85
N ALA B 492 -21.33 20.04 7.77
CA ALA B 492 -21.74 19.47 6.49
C ALA B 492 -21.37 17.99 6.43
N VAL B 493 -22.16 17.23 5.68
CA VAL B 493 -21.91 15.81 5.46
C VAL B 493 -22.11 15.50 3.99
N ILE B 494 -21.04 15.03 3.34
CA ILE B 494 -21.07 14.55 1.95
C ILE B 494 -20.74 13.07 1.99
N VAL B 495 -21.61 12.24 1.44
CA VAL B 495 -21.46 10.79 1.52
C VAL B 495 -21.65 10.16 0.15
N VAL B 496 -20.93 9.07 -0.08
CA VAL B 496 -21.21 8.12 -1.15
C VAL B 496 -21.61 6.82 -0.46
N SER B 497 -22.90 6.51 -0.47
CA SER B 497 -23.41 5.38 0.28
C SER B 497 -24.26 4.48 -0.61
N HIS B 498 -24.28 3.20 -0.27
CA HIS B 498 -25.16 2.22 -0.88
C HIS B 498 -26.19 1.69 0.11
N ASP B 499 -26.37 2.38 1.23
CA ASP B 499 -27.33 2.00 2.26
C ASP B 499 -28.54 2.92 2.13
N ALA B 500 -29.64 2.38 1.60
CA ALA B 500 -30.80 3.19 1.29
C ALA B 500 -31.39 3.82 2.55
N ARG B 501 -31.52 3.04 3.62
N ARG B 501 -31.52 3.04 3.62
CA ARG B 501 -32.12 3.56 4.85
CA ARG B 501 -32.13 3.58 4.83
C ARG B 501 -31.26 4.65 5.46
C ARG B 501 -31.25 4.65 5.47
N LEU B 502 -29.93 4.52 5.38
CA LEU B 502 -29.06 5.57 5.89
C LEU B 502 -29.20 6.85 5.08
N ILE B 503 -29.23 6.72 3.75
CA ILE B 503 -29.44 7.86 2.87
C ILE B 503 -30.75 8.56 3.20
N THR B 504 -31.79 7.78 3.50
CA THR B 504 -33.12 8.36 3.70
C THR B 504 -33.27 8.98 5.08
N GLU B 505 -32.82 8.29 6.13
CA GLU B 505 -32.99 8.78 7.49
C GLU B 505 -32.18 10.04 7.78
N THR B 506 -31.12 10.29 7.02
CA THR B 506 -30.34 11.51 7.16
C THR B 506 -30.81 12.63 6.23
N ASN B 507 -31.88 12.40 5.47
CA ASN B 507 -32.49 13.43 4.63
C ASN B 507 -31.51 14.01 3.63
N CYS B 508 -30.65 13.14 3.09
CA CYS B 508 -29.71 13.57 2.07
C CYS B 508 -30.44 13.93 0.78
N GLN B 509 -29.93 14.94 0.08
CA GLN B 509 -30.35 15.18 -1.29
C GLN B 509 -29.40 14.44 -2.21
N LEU B 510 -29.96 13.82 -3.24
CA LEU B 510 -29.22 12.94 -4.11
C LEU B 510 -28.66 13.73 -5.30
N TRP B 511 -27.37 13.60 -5.53
CA TRP B 511 -26.70 14.23 -6.65
C TRP B 511 -26.03 13.15 -7.47
N VAL B 512 -26.48 12.99 -8.71
CA VAL B 512 -25.99 11.96 -9.60
C VAL B 512 -24.83 12.52 -10.43
N VAL B 513 -23.80 11.72 -10.58
CA VAL B 513 -22.70 12.06 -11.48
C VAL B 513 -23.07 11.61 -12.88
N GLU B 514 -23.24 12.56 -13.79
CA GLU B 514 -23.60 12.24 -15.16
C GLU B 514 -23.24 13.42 -16.06
N GLU B 515 -23.06 13.11 -17.35
CA GLU B 515 -22.70 14.09 -18.36
C GLU B 515 -21.45 14.87 -17.95
N GLN B 516 -20.50 14.17 -17.33
CA GLN B 516 -19.24 14.76 -16.86
C GLN B 516 -19.49 15.93 -15.92
N SER B 517 -20.57 15.86 -15.14
CA SER B 517 -20.94 16.89 -14.18
C SER B 517 -21.73 16.22 -13.07
N VAL B 518 -22.30 17.04 -12.18
CA VAL B 518 -23.12 16.55 -11.07
C VAL B 518 -24.45 17.29 -11.11
N SER B 519 -25.55 16.53 -11.04
CA SER B 519 -26.88 17.09 -11.14
C SER B 519 -27.75 16.58 -10.00
N GLN B 520 -28.64 17.44 -9.50
CA GLN B 520 -29.48 17.07 -8.38
C GLN B 520 -30.69 16.27 -8.85
N ILE B 521 -30.91 15.11 -8.22
CA ILE B 521 -32.08 14.30 -8.51
C ILE B 521 -33.33 15.02 -8.00
N ASP B 522 -34.38 15.04 -8.82
CA ASP B 522 -35.65 15.65 -8.44
C ASP B 522 -36.48 14.60 -7.73
N GLY B 523 -36.28 14.49 -6.42
CA GLY B 523 -37.00 13.56 -5.59
C GLY B 523 -36.11 12.98 -4.51
N ASP B 524 -36.51 11.81 -4.00
CA ASP B 524 -35.79 11.14 -2.93
C ASP B 524 -35.20 9.83 -3.45
N PHE B 525 -34.87 8.92 -2.53
CA PHE B 525 -34.24 7.67 -2.94
C PHE B 525 -35.18 6.81 -3.77
N GLU B 526 -36.47 6.83 -3.46
CA GLU B 526 -37.40 5.98 -4.21
C GLU B 526 -37.48 6.41 -5.67
N ASP B 527 -37.43 7.72 -5.92
CA ASP B 527 -37.40 8.21 -7.29
C ASP B 527 -36.15 7.74 -8.03
N TYR B 528 -34.99 7.81 -7.36
CA TYR B 528 -33.75 7.36 -8.00
C TYR B 528 -33.77 5.85 -8.22
N LYS B 529 -34.34 5.10 -7.29
CA LYS B 529 -34.47 3.65 -7.46
C LYS B 529 -35.34 3.32 -8.66
N ARG B 530 -36.47 4.01 -8.79
CA ARG B 530 -37.31 3.86 -9.97
C ARG B 530 -36.55 4.20 -11.24
N GLU B 531 -35.77 5.27 -11.21
CA GLU B 531 -34.97 5.65 -12.38
C GLU B 531 -33.97 4.56 -12.75
N VAL B 532 -33.28 4.01 -11.74
CA VAL B 532 -32.28 2.99 -11.99
C VAL B 532 -32.92 1.74 -12.59
N LEU B 533 -34.02 1.28 -12.00
CA LEU B 533 -34.67 0.07 -12.51
C LEU B 533 -35.28 0.30 -13.87
N GLU B 534 -35.82 1.51 -14.11
CA GLU B 534 -36.39 1.83 -15.42
C GLU B 534 -35.33 1.83 -16.50
N ALA B 535 -34.17 2.43 -16.22
CA ALA B 535 -33.09 2.46 -17.20
C ALA B 535 -32.63 1.04 -17.56
N LEU B 536 -32.70 0.11 -16.61
CA LEU B 536 -32.33 -1.27 -16.86
C LEU B 536 -33.46 -2.08 -17.50
N GLY B 537 -34.65 -1.49 -17.66
CA GLY B 537 -35.77 -2.25 -18.17
C GLY B 537 -36.31 -3.30 -17.24
N GLU B 538 -36.06 -3.16 -15.94
CA GLU B 538 -36.44 -4.16 -14.96
C GLU B 538 -37.79 -3.84 -14.35
N VAL B 539 -38.60 -4.88 -14.14
CA VAL B 539 -39.88 -4.72 -13.44
C VAL B 539 -39.62 -4.55 -11.96
N VAL B 541 -40.48 -4.92 -8.20
CA VAL B 541 -41.29 -5.83 -7.38
C VAL B 541 -41.95 -5.01 -6.27
N SER B 542 -43.24 -5.26 -6.06
CA SER B 542 -44.00 -4.58 -5.02
C SER B 542 -44.08 -5.44 -3.76
N HIS B 543 -44.31 -4.79 -2.63
CA HIS B 543 -44.49 -5.45 -1.34
C HIS B 543 -45.95 -5.48 -0.93
N HIS B 544 -46.85 -5.70 -1.89
CA HIS B 544 -48.29 -5.63 -1.63
C HIS B 544 -48.96 -7.00 -1.65
N HIS B 545 -48.21 -8.08 -1.88
CA HIS B 545 -48.80 -9.41 -1.90
C HIS B 545 -48.91 -9.97 -0.50
N HIS B 546 -50.01 -10.69 -0.25
CA HIS B 546 -50.27 -11.26 1.07
C HIS B 546 -50.71 -12.72 0.96
#